data_9BCL
#
_entry.id   9BCL
#
_cell.length_a   1.00
_cell.length_b   1.00
_cell.length_c   1.00
_cell.angle_alpha   90.00
_cell.angle_beta   90.00
_cell.angle_gamma   90.00
#
_symmetry.space_group_name_H-M   'P 1'
#
loop_
_entity.id
_entity.type
_entity.pdbx_description
1 polymer 'Atrial natriuretic peptide receptor 1'
2 branched alpha-D-mannopyranose-(1-6)-alpha-D-mannopyranose-(1-3)-2-acetamido-2-deoxy-beta-D-glucopyranose-(1-4)-2-acetamido-2-deoxy-beta-D-glucopyranose
3 branched alpha-D-mannopyranose-(1-3)-2-acetamido-2-deoxy-beta-D-glucopyranose-(1-4)-2-acetamido-2-deoxy-beta-D-glucopyranose
4 non-polymer 'CHLORIDE ION'
5 non-polymer 2-acetamido-2-deoxy-beta-D-glucopyranose
#
_entity_poly.entity_id   1
_entity_poly.type   'polypeptide(L)'
_entity_poly.pdbx_seq_one_letter_code
;DYKDDDDKAAAGNLTVAVVLPLANTSYPWSWARVGPAVELALAQVKARPDLLPGWTVRTVLGSSENALGVCSDTAAPLAA
VDLKWEHNPAVFLGPGCVYAAAPVGRFTAHWRVPLLTAGAPALGFGVKDEYALTTRAGPSYAKLGDFVAALHRRLGWERQ
ALMLYAYRPGDEEHCFFLVEGLFMRVRDRLNITVDHLEFAEDDLSHYTRLLRTMPRKGRVIYICSSPDAFRTLMLLALEA
GLCGEDYVFFHLDIFGQSLQGGQGPAPRRPWERGDGQDVSARQAFQAAKIITYKDPDNPEYLEFLKQLKHLAYEQFNFTM
EDGLVNTIPASFHDGLLLYIQAVTETLAHGGTVTDGENITQRMWNRSFQGVTGYLKIDSSGDRETDFSLWDMDPENGAFR
VVLNYNGTSQELVAVSGRKLNWPLGYPPPDIPKCGFDNEDPACNQDHLSTLEVLALVGSLSLLGILIVSFFIYRKMQLEK
ELASELWRVRWEDVEPSSLERHLRSAGSRLTLSGRGSNYGSLLTTEGQFQVFAKTAYYKGNLVAVKRVNRKRIELTRKVL
FELKHMRDVQNEHLTRFVGACTDPPNICILTEYCPRGSLQDILENESITLDWMFRYSLTNDIVKGMLFLHNGAICSHGNL
KSSNCVVDGRFVLKITDYGLESFRDLDPEQGHTVYAKKLWTAPELLRMASPPVRGSQAGDVYSFGIILQEIALRSGVFHV
EGLDLSPKEIIERVTRGEQPPFRPSLALQSHLEELGLLMQRCWAEDPQERPPFQQIRLTLRKFNRENSSNILDNLLSRME
QYANNLEELVEERTQAYLEEKRKAEALLYQILPHSVAEQLKRGETVQAEAFDSVTIYFSDIVGFTALSAESTPMQVVTLL
NDLYTCFDAVIDNFDVYKVETIGDAYMVVSGLPVRNGRLHACEVARMALALLDAVRSFRIRHRPQEQLRLRIGIHTGPVC
AGVVGLKMPRYCLFGDTVNTASRMESNGEALKIHLSSETKAVLEEFGGFELELRGDVEMKGKGKVRTYWLLGERGSSTRG
;
_entity_poly.pdbx_strand_id   A,B
#
# COMPACT_ATOMS: atom_id res chain seq x y z
N GLY A 12 -9.66 -33.90 22.71
CA GLY A 12 -10.23 -32.64 22.15
C GLY A 12 -9.97 -32.49 20.67
N ASN A 13 -10.22 -31.30 20.13
CA ASN A 13 -10.02 -31.02 18.72
C ASN A 13 -9.11 -29.81 18.57
N LEU A 14 -8.18 -29.89 17.63
CA LEU A 14 -7.30 -28.78 17.29
C LEU A 14 -7.64 -28.35 15.87
N THR A 15 -7.97 -27.08 15.70
CA THR A 15 -8.41 -26.55 14.41
C THR A 15 -7.29 -25.71 13.80
N VAL A 16 -6.88 -26.07 12.59
CA VAL A 16 -5.90 -25.31 11.83
C VAL A 16 -6.65 -24.54 10.76
N ALA A 17 -6.46 -23.23 10.74
CA ALA A 17 -7.12 -22.37 9.75
C ALA A 17 -6.16 -22.10 8.60
N VAL A 18 -6.61 -22.37 7.38
CA VAL A 18 -5.79 -22.28 6.18
C VAL A 18 -6.31 -21.12 5.35
N VAL A 19 -5.41 -20.21 4.99
CA VAL A 19 -5.73 -19.07 4.13
C VAL A 19 -4.75 -19.13 2.97
N LEU A 20 -5.14 -19.82 1.90
CA LEU A 20 -4.29 -20.07 0.75
C LEU A 20 -5.15 -20.04 -0.51
N PRO A 21 -4.53 -19.87 -1.69
CA PRO A 21 -5.31 -19.93 -2.94
C PRO A 21 -5.90 -21.31 -3.15
N LEU A 22 -7.23 -21.42 -3.10
CA LEU A 22 -7.88 -22.72 -3.18
C LEU A 22 -8.18 -23.15 -4.61
N ALA A 23 -8.27 -22.21 -5.56
CA ALA A 23 -8.59 -22.51 -6.94
C ALA A 23 -7.45 -22.25 -7.91
N ASN A 24 -6.67 -21.20 -7.68
CA ASN A 24 -5.53 -20.90 -8.54
C ASN A 24 -4.40 -21.88 -8.25
N THR A 25 -3.84 -22.47 -9.30
CA THR A 25 -2.86 -23.54 -9.19
C THR A 25 -1.45 -23.11 -9.57
N SER A 26 -1.23 -21.82 -9.81
CA SER A 26 0.03 -21.34 -10.36
C SER A 26 0.96 -20.74 -9.30
N TYR A 27 0.75 -21.08 -8.02
CA TYR A 27 1.58 -20.57 -6.95
C TYR A 27 2.36 -21.71 -6.30
N PRO A 28 3.56 -21.45 -5.79
CA PRO A 28 4.30 -22.51 -5.09
C PRO A 28 3.60 -22.99 -3.83
N TRP A 29 2.70 -22.18 -3.27
CA TRP A 29 2.00 -22.51 -2.04
C TRP A 29 0.51 -22.74 -2.27
N SER A 30 0.08 -22.82 -3.52
CA SER A 30 -1.34 -22.97 -3.80
C SER A 30 -1.86 -24.27 -3.20
N TRP A 31 -3.12 -24.23 -2.76
CA TRP A 31 -3.69 -25.37 -2.06
C TRP A 31 -3.66 -26.65 -2.90
N ALA A 32 -3.64 -26.52 -4.23
CA ALA A 32 -3.60 -27.70 -5.09
C ALA A 32 -2.32 -28.50 -4.92
N ARG A 33 -1.29 -27.93 -4.32
CA ARG A 33 -0.05 -28.64 -4.04
C ARG A 33 0.35 -28.62 -2.56
N VAL A 34 -0.19 -27.71 -1.76
CA VAL A 34 0.06 -27.74 -0.32
C VAL A 34 -0.95 -28.61 0.42
N GLY A 35 -2.11 -28.89 -0.17
CA GLY A 35 -3.12 -29.70 0.46
C GLY A 35 -2.66 -31.13 0.70
N PRO A 36 -2.08 -31.75 -0.34
CA PRO A 36 -1.51 -33.09 -0.13
C PRO A 36 -0.41 -33.12 0.91
N ALA A 37 0.40 -32.07 1.01
CA ALA A 37 1.44 -32.01 2.02
C ALA A 37 0.83 -32.02 3.42
N VAL A 38 -0.15 -31.15 3.66
CA VAL A 38 -0.79 -31.09 4.97
C VAL A 38 -1.53 -32.39 5.26
N GLU A 39 -2.14 -33.01 4.24
CA GLU A 39 -2.81 -34.28 4.45
C GLU A 39 -1.84 -35.39 4.82
N LEU A 40 -0.68 -35.45 4.18
CA LEU A 40 0.34 -36.41 4.57
C LEU A 40 0.83 -36.14 5.99
N ALA A 41 1.02 -34.87 6.34
CA ALA A 41 1.44 -34.53 7.69
C ALA A 41 0.43 -35.02 8.72
N LEU A 42 -0.85 -34.73 8.49
CA LEU A 42 -1.89 -35.15 9.44
C LEU A 42 -2.09 -36.65 9.46
N ALA A 43 -1.82 -37.34 8.35
CA ALA A 43 -1.82 -38.80 8.37
C ALA A 43 -0.68 -39.34 9.22
N GLN A 44 0.49 -38.70 9.15
CA GLN A 44 1.61 -39.11 9.98
C GLN A 44 1.35 -38.82 11.45
N VAL A 45 0.68 -37.70 11.75
CA VAL A 45 0.38 -37.36 13.14
C VAL A 45 -0.54 -38.41 13.76
N LYS A 46 -1.53 -38.87 13.00
CA LYS A 46 -2.54 -39.78 13.54
C LYS A 46 -2.02 -41.20 13.72
N ALA A 47 -0.89 -41.55 13.09
CA ALA A 47 -0.32 -42.89 13.19
C ALA A 47 0.75 -42.99 14.27
N ARG A 48 1.06 -41.89 14.96
CA ARG A 48 2.12 -41.87 15.96
C ARG A 48 1.55 -41.52 17.33
N PRO A 49 1.66 -42.40 18.33
CA PRO A 49 1.21 -42.02 19.68
C PRO A 49 2.04 -40.91 20.29
N ASP A 50 3.24 -40.64 19.78
CA ASP A 50 4.11 -39.62 20.36
C ASP A 50 3.49 -38.23 20.24
N LEU A 51 2.81 -37.96 19.13
CA LEU A 51 2.30 -36.63 18.83
C LEU A 51 0.83 -36.54 19.24
N LEU A 52 0.52 -35.60 20.13
CA LEU A 52 -0.86 -35.29 20.51
C LEU A 52 -1.64 -36.57 20.76
N PRO A 53 -1.38 -37.28 21.85
CA PRO A 53 -2.05 -38.57 22.06
C PRO A 53 -3.55 -38.44 22.24
N GLY A 54 -4.32 -38.97 21.28
CA GLY A 54 -5.76 -39.01 21.37
C GLY A 54 -6.48 -37.80 20.80
N TRP A 55 -5.76 -36.74 20.44
CA TRP A 55 -6.41 -35.55 19.90
C TRP A 55 -6.73 -35.76 18.42
N THR A 56 -7.49 -34.80 17.88
CA THR A 56 -7.87 -34.79 16.47
C THR A 56 -7.52 -33.44 15.88
N VAL A 57 -6.79 -33.44 14.78
CA VAL A 57 -6.43 -32.23 14.06
C VAL A 57 -7.26 -32.15 12.79
N ARG A 58 -7.88 -31.00 12.56
CA ARG A 58 -8.73 -30.79 11.39
C ARG A 58 -8.52 -29.40 10.86
N THR A 59 -8.73 -29.21 9.56
CA THR A 59 -8.48 -27.95 8.90
C THR A 59 -9.78 -27.33 8.40
N VAL A 60 -9.86 -26.01 8.51
CA VAL A 60 -10.96 -25.23 7.96
C VAL A 60 -10.35 -24.26 6.95
N LEU A 61 -10.94 -24.21 5.76
CA LEU A 61 -10.31 -23.57 4.61
C LEU A 61 -10.93 -22.22 4.30
N GLY A 62 -10.07 -21.28 3.95
CA GLY A 62 -10.51 -20.01 3.41
C GLY A 62 -9.55 -19.59 2.31
N SER A 63 -10.10 -18.94 1.30
CA SER A 63 -9.30 -18.57 0.13
C SER A 63 -8.82 -17.14 0.27
N SER A 64 -7.59 -16.91 -0.19
CA SER A 64 -6.93 -15.61 -0.08
C SER A 64 -6.78 -14.94 -1.44
N GLU A 65 -7.77 -15.09 -2.30
CA GLU A 65 -7.72 -14.55 -3.64
C GLU A 65 -9.04 -13.87 -3.98
N ASN A 66 -8.96 -12.88 -4.87
CA ASN A 66 -10.10 -12.05 -5.21
C ASN A 66 -10.85 -12.65 -6.40
N ALA A 67 -11.76 -11.87 -6.98
CA ALA A 67 -12.59 -12.37 -8.08
C ALA A 67 -11.74 -12.76 -9.28
N LEU A 68 -10.69 -11.97 -9.56
CA LEU A 68 -9.85 -12.26 -10.72
C LEU A 68 -9.07 -13.56 -10.57
N GLY A 69 -8.90 -14.06 -9.36
CA GLY A 69 -8.20 -15.31 -9.12
C GLY A 69 -6.77 -15.18 -8.65
N VAL A 70 -6.31 -13.98 -8.34
CA VAL A 70 -4.95 -13.76 -7.84
C VAL A 70 -5.02 -13.47 -6.35
N CYS A 71 -4.00 -13.89 -5.61
CA CYS A 71 -3.97 -13.63 -4.18
C CYS A 71 -3.88 -12.13 -3.95
N SER A 72 -4.68 -11.64 -3.00
CA SER A 72 -4.81 -10.21 -2.77
C SER A 72 -4.78 -9.90 -1.29
N ASP A 73 -4.36 -8.68 -0.96
CA ASP A 73 -4.38 -8.21 0.42
C ASP A 73 -5.75 -7.73 0.85
N THR A 74 -6.72 -7.71 -0.04
CA THR A 74 -8.07 -7.25 0.27
C THR A 74 -8.97 -8.39 0.72
N ALA A 75 -8.81 -9.57 0.14
CA ALA A 75 -9.66 -10.73 0.45
C ALA A 75 -9.01 -11.73 1.38
N ALA A 76 -7.73 -11.55 1.73
CA ALA A 76 -7.08 -12.44 2.67
C ALA A 76 -7.49 -12.13 4.10
N PRO A 77 -7.35 -10.88 4.57
CA PRO A 77 -7.84 -10.56 5.92
C PRO A 77 -9.32 -10.79 6.10
N LEU A 78 -10.14 -10.60 5.06
CA LEU A 78 -11.56 -10.89 5.20
C LEU A 78 -11.80 -12.36 5.51
N ALA A 79 -11.13 -13.26 4.78
CA ALA A 79 -11.26 -14.69 5.04
C ALA A 79 -10.70 -15.04 6.40
N ALA A 80 -9.57 -14.44 6.79
CA ALA A 80 -9.01 -14.72 8.11
C ALA A 80 -9.98 -14.31 9.22
N VAL A 81 -10.61 -13.14 9.09
CA VAL A 81 -11.56 -12.70 10.09
C VAL A 81 -12.78 -13.62 10.15
N ASP A 82 -13.29 -14.02 8.98
CA ASP A 82 -14.41 -14.95 8.96
C ASP A 82 -14.06 -16.26 9.66
N LEU A 83 -12.90 -16.83 9.33
CA LEU A 83 -12.48 -18.08 9.95
C LEU A 83 -12.32 -17.92 11.45
N LYS A 84 -11.70 -16.82 11.89
CA LYS A 84 -11.50 -16.60 13.31
C LYS A 84 -12.82 -16.50 14.04
N TRP A 85 -13.77 -15.75 13.50
CA TRP A 85 -15.03 -15.57 14.20
C TRP A 85 -15.89 -16.82 14.20
N GLU A 86 -15.80 -17.65 13.17
CA GLU A 86 -16.67 -18.82 13.09
C GLU A 86 -16.09 -20.04 13.79
N HIS A 87 -14.82 -20.38 13.52
CA HIS A 87 -14.27 -21.64 13.98
C HIS A 87 -13.33 -21.52 15.18
N ASN A 88 -12.81 -20.33 15.46
CA ASN A 88 -11.91 -20.14 16.60
C ASN A 88 -10.68 -21.03 16.44
N PRO A 89 -9.82 -20.76 15.46
CA PRO A 89 -8.67 -21.63 15.23
C PRO A 89 -7.64 -21.53 16.33
N ALA A 90 -6.85 -22.60 16.46
CA ALA A 90 -5.70 -22.59 17.36
C ALA A 90 -4.43 -22.09 16.68
N VAL A 91 -4.33 -22.26 15.37
CA VAL A 91 -3.18 -21.80 14.61
C VAL A 91 -3.65 -21.47 13.20
N PHE A 92 -2.97 -20.50 12.58
CA PHE A 92 -3.25 -20.12 11.20
C PHE A 92 -2.11 -20.63 10.32
N LEU A 93 -2.44 -21.50 9.38
CA LEU A 93 -1.47 -21.94 8.37
C LEU A 93 -1.46 -20.90 7.26
N GLY A 94 -0.97 -19.73 7.64
CA GLY A 94 -1.31 -18.49 7.00
C GLY A 94 -0.91 -18.37 5.55
N PRO A 95 -1.06 -17.17 5.00
CA PRO A 95 -0.82 -16.97 3.57
C PRO A 95 0.63 -17.17 3.16
N GLY A 96 0.91 -17.02 1.88
CA GLY A 96 2.26 -17.10 1.37
C GLY A 96 2.65 -15.90 0.54
N CYS A 97 1.66 -15.16 0.04
CA CYS A 97 1.94 -13.97 -0.76
C CYS A 97 2.41 -12.85 0.15
N VAL A 98 3.34 -12.03 -0.37
CA VAL A 98 3.88 -10.93 0.43
C VAL A 98 2.79 -9.93 0.79
N TYR A 99 1.80 -9.77 -0.08
CA TYR A 99 0.75 -8.79 0.13
C TYR A 99 -0.39 -9.33 0.98
N ALA A 100 -0.73 -10.61 0.85
CA ALA A 100 -1.76 -11.19 1.68
C ALA A 100 -1.28 -11.47 3.09
N ALA A 101 0.02 -11.72 3.27
CA ALA A 101 0.56 -12.16 4.55
C ALA A 101 0.72 -11.03 5.56
N ALA A 102 0.76 -9.77 5.10
CA ALA A 102 0.98 -8.67 6.05
C ALA A 102 -0.26 -8.39 6.87
N PRO A 103 -1.42 -8.02 6.30
CA PRO A 103 -2.59 -7.78 7.13
C PRO A 103 -3.02 -8.97 7.95
N VAL A 104 -2.92 -10.19 7.42
CA VAL A 104 -3.29 -11.36 8.19
C VAL A 104 -2.30 -11.59 9.32
N GLY A 105 -1.01 -11.34 9.08
CA GLY A 105 -0.04 -11.45 10.15
C GLY A 105 -0.29 -10.46 11.26
N ARG A 106 -0.67 -9.23 10.92
CA ARG A 106 -1.01 -8.23 11.93
C ARG A 106 -2.27 -8.62 12.70
N PHE A 107 -3.28 -9.14 12.01
CA PHE A 107 -4.47 -9.61 12.71
C PHE A 107 -4.15 -10.72 13.69
N THR A 108 -3.37 -11.72 13.25
CA THR A 108 -3.03 -12.83 14.14
C THR A 108 -2.18 -12.36 15.31
N ALA A 109 -1.23 -11.46 15.06
CA ALA A 109 -0.46 -10.88 16.16
C ALA A 109 -1.35 -10.20 17.16
N HIS A 110 -2.38 -9.49 16.69
CA HIS A 110 -3.31 -8.84 17.61
C HIS A 110 -4.17 -9.85 18.37
N TRP A 111 -4.51 -10.98 17.76
CA TRP A 111 -5.34 -11.99 18.41
C TRP A 111 -4.54 -12.93 19.31
N ARG A 112 -3.22 -12.89 19.28
CA ARG A 112 -2.37 -13.81 20.06
C ARG A 112 -2.54 -15.25 19.58
N VAL A 113 -2.52 -15.45 18.26
CA VAL A 113 -2.66 -16.75 17.64
C VAL A 113 -1.41 -17.00 16.79
N PRO A 114 -0.71 -18.13 16.96
CA PRO A 114 0.45 -18.40 16.10
C PRO A 114 0.04 -18.50 14.65
N LEU A 115 0.95 -18.09 13.76
CA LEU A 115 0.73 -18.14 12.32
C LEU A 115 1.93 -18.79 11.66
N LEU A 116 1.74 -19.98 11.11
CA LEU A 116 2.78 -20.69 10.38
C LEU A 116 2.72 -20.35 8.91
N THR A 117 3.89 -20.20 8.28
CA THR A 117 3.89 -20.04 6.84
C THR A 117 5.24 -20.45 6.28
N ALA A 118 5.23 -21.07 5.10
CA ALA A 118 6.44 -21.30 4.33
C ALA A 118 6.61 -20.28 3.22
N GLY A 119 5.69 -19.33 3.10
CA GLY A 119 5.84 -18.25 2.16
C GLY A 119 6.19 -16.95 2.85
N ALA A 120 5.65 -15.84 2.36
CA ALA A 120 5.90 -14.52 2.94
C ALA A 120 7.39 -14.28 3.18
N PRO A 121 8.21 -14.30 2.13
CA PRO A 121 9.65 -14.15 2.33
C PRO A 121 10.11 -12.72 2.52
N ALA A 122 9.23 -11.74 2.33
CA ALA A 122 9.62 -10.32 2.35
C ALA A 122 10.36 -9.97 3.63
N LEU A 123 11.17 -8.91 3.58
CA LEU A 123 11.95 -8.52 4.74
C LEU A 123 11.08 -7.90 5.83
N GLY A 124 10.11 -7.06 5.44
CA GLY A 124 9.30 -6.37 6.43
C GLY A 124 8.48 -7.29 7.30
N PHE A 125 8.25 -8.52 6.86
CA PHE A 125 7.49 -9.49 7.64
C PHE A 125 8.31 -10.09 8.78
N GLY A 126 9.62 -9.84 8.80
CA GLY A 126 10.50 -10.36 9.84
C GLY A 126 10.75 -9.41 10.99
N VAL A 127 9.97 -8.34 11.11
CA VAL A 127 10.05 -7.44 12.25
C VAL A 127 9.11 -8.00 13.31
N LYS A 128 9.64 -8.81 14.22
CA LYS A 128 8.84 -9.57 15.15
C LYS A 128 8.38 -8.74 16.34
N ASP A 129 8.46 -7.42 16.25
CA ASP A 129 7.75 -6.55 17.18
C ASP A 129 6.37 -6.19 16.69
N GLU A 130 6.18 -6.13 15.37
CA GLU A 130 4.89 -5.92 14.76
C GLU A 130 4.21 -7.22 14.34
N TYR A 131 4.97 -8.32 14.25
CA TYR A 131 4.45 -9.60 13.78
C TYR A 131 4.72 -10.69 14.80
N ALA A 132 4.36 -10.45 16.04
CA ALA A 132 4.63 -11.42 17.10
C ALA A 132 3.90 -12.73 16.84
N LEU A 133 4.53 -13.83 17.23
CA LEU A 133 4.00 -15.20 17.23
C LEU A 133 4.05 -15.86 15.86
N THR A 134 4.50 -15.17 14.81
CA THR A 134 4.51 -15.75 13.47
C THR A 134 5.81 -16.51 13.24
N THR A 135 5.69 -17.67 12.59
CA THR A 135 6.83 -18.51 12.25
C THR A 135 6.90 -18.73 10.75
N ARG A 136 8.12 -18.69 10.23
CA ARG A 136 8.40 -18.93 8.82
C ARG A 136 9.23 -20.20 8.72
N ALA A 137 8.59 -21.29 8.30
CA ALA A 137 9.27 -22.57 8.17
C ALA A 137 9.84 -22.78 6.78
N GLY A 138 9.78 -21.77 5.92
CA GLY A 138 10.31 -21.87 4.57
C GLY A 138 11.35 -20.81 4.30
N PRO A 139 11.83 -20.75 3.06
CA PRO A 139 12.89 -19.81 2.73
C PRO A 139 12.50 -18.37 2.99
N SER A 140 13.49 -17.56 3.37
CA SER A 140 13.33 -16.13 3.53
C SER A 140 14.24 -15.41 2.54
N TYR A 141 13.95 -14.13 2.29
CA TYR A 141 14.75 -13.38 1.33
C TYR A 141 16.00 -12.82 1.99
N ALA A 142 15.91 -12.40 3.25
CA ALA A 142 17.09 -11.86 3.93
C ALA A 142 18.15 -12.93 4.16
N LYS A 143 17.73 -14.19 4.32
CA LYS A 143 18.70 -15.27 4.51
C LYS A 143 19.60 -15.47 3.30
N LEU A 144 19.22 -14.93 2.15
CA LEU A 144 20.09 -14.94 0.98
C LEU A 144 21.26 -13.97 1.13
N GLY A 145 21.06 -12.86 1.84
CA GLY A 145 22.16 -11.96 2.12
C GLY A 145 23.26 -12.55 2.97
N ASP A 146 22.93 -13.54 3.80
CA ASP A 146 23.97 -14.29 4.49
C ASP A 146 24.82 -15.06 3.51
N PHE A 147 24.22 -15.57 2.43
CA PHE A 147 24.97 -16.37 1.47
C PHE A 147 26.01 -15.54 0.75
N VAL A 148 25.59 -14.46 0.09
CA VAL A 148 26.52 -13.68 -0.72
C VAL A 148 27.64 -13.13 0.15
N ALA A 149 27.32 -12.68 1.37
CA ALA A 149 28.38 -12.28 2.29
C ALA A 149 29.38 -13.41 2.49
N ALA A 150 28.89 -14.60 2.85
CA ALA A 150 29.78 -15.74 3.02
C ALA A 150 30.50 -16.08 1.72
N LEU A 151 29.92 -15.67 0.59
CA LEU A 151 30.61 -15.83 -0.69
C LEU A 151 31.72 -14.80 -0.83
N HIS A 152 31.43 -13.54 -0.54
CA HIS A 152 32.43 -12.50 -0.72
C HIS A 152 33.66 -12.76 0.13
N ARG A 153 33.47 -13.05 1.42
CA ARG A 153 34.60 -13.35 2.28
C ARG A 153 35.45 -14.47 1.70
N ARG A 154 34.83 -15.41 0.99
CA ARG A 154 35.57 -16.54 0.45
C ARG A 154 36.35 -16.16 -0.80
N LEU A 155 35.88 -15.16 -1.57
CA LEU A 155 36.51 -14.80 -2.82
C LEU A 155 37.31 -13.50 -2.72
N GLY A 156 37.33 -12.85 -1.56
CA GLY A 156 38.15 -11.67 -1.37
C GLY A 156 37.52 -10.36 -1.81
N TRP A 157 36.29 -10.37 -2.30
CA TRP A 157 35.62 -9.13 -2.66
C TRP A 157 35.14 -8.44 -1.39
N GLU A 158 35.62 -7.20 -1.17
CA GLU A 158 35.25 -6.48 0.03
C GLU A 158 35.04 -4.98 -0.19
N ARG A 159 34.88 -4.52 -1.43
CA ARG A 159 34.82 -3.10 -1.71
C ARG A 159 33.46 -2.63 -2.23
N GLN A 160 32.94 -3.20 -3.30
CA GLN A 160 31.77 -2.64 -3.96
C GLN A 160 30.93 -3.76 -4.58
N ALA A 161 29.65 -3.45 -4.78
CA ALA A 161 28.72 -4.40 -5.39
C ALA A 161 27.53 -3.64 -5.98
N LEU A 162 26.92 -4.25 -6.99
CA LEU A 162 25.77 -3.67 -7.68
C LEU A 162 24.69 -4.72 -7.86
N MET A 163 23.44 -4.26 -7.80
CA MET A 163 22.28 -5.16 -7.74
C MET A 163 21.17 -4.61 -8.62
N LEU A 164 20.90 -5.28 -9.73
CA LEU A 164 19.82 -4.92 -10.63
C LEU A 164 18.61 -5.80 -10.38
N TYR A 165 17.42 -5.20 -10.47
CA TYR A 165 16.19 -6.00 -10.43
C TYR A 165 15.25 -5.54 -11.53
N ALA A 166 14.58 -6.52 -12.14
CA ALA A 166 13.63 -6.25 -13.21
C ALA A 166 12.26 -5.91 -12.64
N TYR A 167 11.50 -5.16 -13.43
CA TYR A 167 10.12 -4.83 -13.10
C TYR A 167 9.21 -5.39 -14.20
N ARG A 168 8.19 -6.14 -13.79
CA ARG A 168 7.24 -6.72 -14.72
C ARG A 168 5.83 -6.42 -14.25
N PRO A 169 4.92 -6.03 -15.16
CA PRO A 169 3.57 -5.64 -14.70
C PRO A 169 2.84 -6.74 -13.94
N GLY A 170 3.01 -7.99 -14.33
CA GLY A 170 2.20 -9.06 -13.78
C GLY A 170 2.62 -9.54 -12.41
N ASP A 171 3.91 -9.83 -12.22
CA ASP A 171 4.37 -10.41 -10.98
C ASP A 171 4.12 -9.46 -9.81
N GLU A 172 4.08 -10.04 -8.61
CA GLU A 172 3.82 -9.29 -7.39
C GLU A 172 5.11 -8.67 -6.84
N GLU A 173 5.82 -7.98 -7.74
CA GLU A 173 7.10 -7.37 -7.42
C GLU A 173 8.01 -8.37 -6.69
N HIS A 174 8.17 -9.53 -7.31
CA HIS A 174 8.99 -10.58 -6.72
C HIS A 174 10.43 -10.13 -6.55
N CYS A 175 11.04 -9.61 -7.62
CA CYS A 175 12.43 -9.21 -7.57
C CYS A 175 12.67 -7.96 -6.73
N PHE A 176 11.70 -7.05 -6.66
CA PHE A 176 11.86 -5.90 -5.77
C PHE A 176 12.08 -6.37 -4.34
N PHE A 177 11.22 -7.25 -3.83
CA PHE A 177 11.36 -7.75 -2.47
C PHE A 177 12.61 -8.62 -2.32
N LEU A 178 12.91 -9.46 -3.31
CA LEU A 178 14.12 -10.27 -3.23
C LEU A 178 15.36 -9.40 -3.04
N VAL A 179 15.52 -8.40 -3.92
CA VAL A 179 16.70 -7.54 -3.83
C VAL A 179 16.63 -6.64 -2.60
N GLU A 180 15.44 -6.24 -2.16
CA GLU A 180 15.36 -5.46 -0.94
C GLU A 180 15.95 -6.23 0.24
N GLY A 181 15.49 -7.46 0.44
CA GLY A 181 16.02 -8.27 1.52
C GLY A 181 17.51 -8.52 1.37
N LEU A 182 17.93 -8.92 0.17
CA LEU A 182 19.35 -9.18 -0.05
C LEU A 182 20.19 -7.95 0.26
N PHE A 183 19.78 -6.78 -0.26
CA PHE A 183 20.54 -5.56 -0.08
C PHE A 183 20.61 -5.17 1.39
N MET A 184 19.49 -5.23 2.10
CA MET A 184 19.51 -4.86 3.52
C MET A 184 20.46 -5.76 4.30
N ARG A 185 20.35 -7.08 4.12
CA ARG A 185 21.17 -7.98 4.92
C ARG A 185 22.65 -7.88 4.54
N VAL A 186 22.95 -7.63 3.26
CA VAL A 186 24.35 -7.44 2.88
C VAL A 186 24.88 -6.13 3.46
N ARG A 187 24.06 -5.08 3.49
CA ARG A 187 24.50 -3.82 4.08
C ARG A 187 24.82 -4.00 5.56
N ASP A 188 23.96 -4.72 6.29
CA ASP A 188 24.20 -4.91 7.71
C ASP A 188 25.45 -5.75 7.97
N ARG A 189 25.70 -6.76 7.15
CA ARG A 189 26.74 -7.75 7.43
C ARG A 189 28.07 -7.45 6.76
N LEU A 190 28.18 -6.35 6.00
CA LEU A 190 29.43 -6.02 5.32
C LEU A 190 29.63 -4.52 5.33
N ASN A 191 30.88 -4.13 5.11
CA ASN A 191 31.26 -2.71 4.98
C ASN A 191 31.37 -2.28 3.52
N ILE A 192 30.94 -3.12 2.59
CA ILE A 192 31.07 -2.81 1.18
C ILE A 192 30.05 -1.74 0.78
N THR A 193 30.32 -1.08 -0.34
CA THR A 193 29.41 -0.08 -0.89
C THR A 193 28.52 -0.76 -1.93
N VAL A 194 27.22 -0.74 -1.71
CA VAL A 194 26.26 -1.44 -2.55
C VAL A 194 25.38 -0.41 -3.25
N ASP A 195 25.14 -0.61 -4.53
CA ASP A 195 24.22 0.23 -5.29
C ASP A 195 23.20 -0.65 -5.99
N HIS A 196 21.91 -0.31 -5.83
CA HIS A 196 20.78 -1.16 -6.28
C HIS A 196 19.89 -0.43 -7.28
N LEU A 197 19.87 -0.80 -8.59
CA LEU A 197 19.09 -0.13 -9.63
C LEU A 197 17.84 -0.94 -9.94
N GLU A 198 17.02 -0.40 -10.85
CA GLU A 198 15.86 -1.09 -11.37
C GLU A 198 15.83 -0.93 -12.88
N PHE A 199 15.26 -1.92 -13.57
CA PHE A 199 15.05 -1.79 -15.00
C PHE A 199 13.75 -2.45 -15.41
N ALA A 200 13.07 -1.84 -16.38
CA ALA A 200 11.88 -2.45 -16.96
C ALA A 200 12.28 -3.63 -17.83
N GLU A 201 11.60 -4.75 -17.63
CA GLU A 201 12.07 -6.00 -18.23
C GLU A 201 11.78 -6.08 -19.71
N ASP A 202 10.65 -5.51 -20.15
CA ASP A 202 10.18 -5.62 -21.52
C ASP A 202 10.35 -4.30 -22.27
N ASP A 203 11.46 -3.60 -22.01
CA ASP A 203 11.75 -2.30 -22.63
C ASP A 203 13.21 -2.34 -23.07
N LEU A 204 13.44 -2.62 -24.36
CA LEU A 204 14.79 -2.82 -24.87
C LEU A 204 15.68 -1.60 -24.67
N SER A 205 15.10 -0.41 -24.53
CA SER A 205 15.92 0.76 -24.25
C SER A 205 16.62 0.64 -22.91
N HIS A 206 15.92 0.12 -21.90
CA HIS A 206 16.51 0.01 -20.57
C HIS A 206 17.73 -0.92 -20.58
N TYR A 207 17.71 -1.96 -21.41
CA TYR A 207 18.87 -2.84 -21.50
C TYR A 207 20.10 -2.11 -22.01
N THR A 208 19.95 -1.33 -23.08
CA THR A 208 21.08 -0.55 -23.57
C THR A 208 21.55 0.46 -22.53
N ARG A 209 20.59 1.08 -21.83
CA ARG A 209 20.94 2.01 -20.77
C ARG A 209 21.77 1.32 -19.69
N LEU A 210 21.38 0.10 -19.31
CA LEU A 210 22.10 -0.64 -18.28
C LEU A 210 23.48 -1.04 -18.75
N LEU A 211 23.61 -1.51 -19.99
CA LEU A 211 24.92 -1.88 -20.50
C LEU A 211 25.84 -0.66 -20.60
N ARG A 212 25.27 0.52 -20.82
CA ARG A 212 26.09 1.74 -20.75
C ARG A 212 26.46 2.07 -19.31
N THR A 213 25.53 1.87 -18.38
CA THR A 213 25.74 2.32 -17.01
C THR A 213 26.75 1.44 -16.27
N MET A 214 26.58 0.12 -16.32
CA MET A 214 27.25 -0.79 -15.40
C MET A 214 28.75 -0.59 -15.30
N PRO A 215 29.47 -0.42 -16.41
CA PRO A 215 30.94 -0.35 -16.32
C PRO A 215 31.46 0.72 -15.36
N ARG A 216 30.60 1.63 -14.89
CA ARG A 216 31.02 2.68 -13.97
C ARG A 216 30.63 2.40 -12.52
N LYS A 217 29.67 1.51 -12.27
CA LYS A 217 29.11 1.34 -10.94
C LYS A 217 29.39 -0.01 -10.29
N GLY A 218 30.13 -0.90 -10.94
CA GLY A 218 30.48 -2.15 -10.29
C GLY A 218 31.13 -3.13 -11.24
N ARG A 219 31.75 -4.15 -10.65
CA ARG A 219 32.29 -5.28 -11.39
C ARG A 219 31.82 -6.62 -10.85
N VAL A 220 31.01 -6.63 -9.79
CA VAL A 220 30.34 -7.82 -9.28
C VAL A 220 28.87 -7.49 -9.22
N ILE A 221 28.08 -8.05 -10.13
CA ILE A 221 26.70 -7.66 -10.35
C ILE A 221 25.78 -8.82 -10.04
N TYR A 222 24.72 -8.54 -9.29
CA TYR A 222 23.66 -9.51 -9.01
C TYR A 222 22.38 -9.05 -9.70
N ILE A 223 21.83 -9.89 -10.58
CA ILE A 223 20.69 -9.54 -11.40
C ILE A 223 19.53 -10.44 -11.02
N CYS A 224 18.39 -9.84 -10.70
CA CYS A 224 17.14 -10.57 -10.45
C CYS A 224 16.20 -10.28 -11.61
N SER A 225 16.06 -11.25 -12.52
CA SER A 225 15.21 -11.10 -13.68
C SER A 225 14.79 -12.49 -14.16
N SER A 226 13.93 -12.50 -15.17
CA SER A 226 13.47 -13.74 -15.78
C SER A 226 14.61 -14.38 -16.58
N PRO A 227 14.56 -15.69 -16.81
CA PRO A 227 15.62 -16.31 -17.61
C PRO A 227 15.79 -15.69 -18.98
N ASP A 228 14.69 -15.33 -19.64
CA ASP A 228 14.78 -14.70 -20.95
C ASP A 228 15.47 -13.35 -20.86
N ALA A 229 15.14 -12.55 -19.84
CA ALA A 229 15.80 -11.27 -19.65
C ALA A 229 17.29 -11.44 -19.40
N PHE A 230 17.66 -12.43 -18.56
CA PHE A 230 19.07 -12.65 -18.28
C PHE A 230 19.84 -13.05 -19.53
N ARG A 231 19.27 -13.93 -20.36
CA ARG A 231 19.96 -14.32 -21.58
C ARG A 231 20.05 -13.16 -22.56
N THR A 232 18.96 -12.42 -22.74
CA THR A 232 18.96 -11.28 -23.64
C THR A 232 19.91 -10.20 -23.18
N LEU A 233 20.19 -10.12 -21.88
CA LEU A 233 21.14 -9.16 -21.36
C LEU A 233 22.57 -9.67 -21.42
N MET A 234 22.78 -10.97 -21.28
CA MET A 234 24.12 -11.54 -21.44
C MET A 234 24.61 -11.43 -22.88
N LEU A 235 23.72 -11.63 -23.86
CA LEU A 235 24.13 -11.41 -25.24
C LEU A 235 24.57 -9.97 -25.47
N LEU A 236 23.81 -9.02 -24.95
CA LEU A 236 24.20 -7.61 -25.08
C LEU A 236 25.53 -7.34 -24.38
N ALA A 237 25.73 -7.92 -23.19
CA ALA A 237 26.98 -7.73 -22.48
C ALA A 237 28.16 -8.27 -23.29
N LEU A 238 28.00 -9.45 -23.89
CA LEU A 238 29.06 -9.97 -24.74
C LEU A 238 29.32 -9.03 -25.91
N GLU A 239 28.27 -8.50 -26.52
CA GLU A 239 28.45 -7.59 -27.64
C GLU A 239 29.22 -6.34 -27.21
N ALA A 240 28.89 -5.79 -26.05
CA ALA A 240 29.51 -4.56 -25.58
C ALA A 240 30.96 -4.75 -25.14
N GLY A 241 31.42 -5.99 -24.98
CA GLY A 241 32.79 -6.26 -24.59
C GLY A 241 32.99 -6.56 -23.12
N LEU A 242 31.92 -6.64 -22.33
CA LEU A 242 32.04 -6.98 -20.90
C LEU A 242 32.26 -8.48 -20.79
N CYS A 243 33.53 -8.87 -20.89
CA CYS A 243 33.91 -10.27 -20.87
C CYS A 243 34.10 -10.76 -19.44
N GLY A 244 34.46 -12.03 -19.31
CA GLY A 244 34.54 -12.66 -18.00
C GLY A 244 35.82 -12.46 -17.24
N GLU A 245 36.83 -11.82 -17.84
CA GLU A 245 38.05 -11.52 -17.11
C GLU A 245 37.91 -10.31 -16.20
N ASP A 246 36.82 -9.56 -16.32
CA ASP A 246 36.56 -8.40 -15.48
C ASP A 246 35.31 -8.56 -14.64
N TYR A 247 34.18 -8.91 -15.26
CA TYR A 247 32.89 -8.94 -14.60
C TYR A 247 32.48 -10.37 -14.26
N VAL A 248 31.58 -10.49 -13.29
CA VAL A 248 30.88 -11.73 -12.99
C VAL A 248 29.43 -11.37 -12.71
N PHE A 249 28.51 -12.11 -13.34
CA PHE A 249 27.08 -11.87 -13.21
C PHE A 249 26.43 -13.02 -12.46
N PHE A 250 25.76 -12.71 -11.37
CA PHE A 250 25.07 -13.70 -10.56
C PHE A 250 23.58 -13.58 -10.79
N HIS A 251 22.97 -14.63 -11.32
CA HIS A 251 21.54 -14.66 -11.58
C HIS A 251 20.82 -15.23 -10.37
N LEU A 252 19.98 -14.41 -9.74
CA LEU A 252 19.21 -14.84 -8.58
C LEU A 252 17.94 -15.52 -9.07
N ASP A 253 18.10 -16.78 -9.45
CA ASP A 253 16.99 -17.62 -9.92
C ASP A 253 16.75 -18.66 -8.84
N ILE A 254 15.93 -18.28 -7.85
CA ILE A 254 15.86 -19.07 -6.63
C ILE A 254 15.18 -20.41 -6.88
N PHE A 255 14.11 -20.42 -7.67
CA PHE A 255 13.37 -21.64 -7.96
C PHE A 255 13.90 -22.40 -9.17
N GLY A 256 15.06 -22.00 -9.68
CA GLY A 256 15.67 -22.73 -10.79
C GLY A 256 14.81 -22.72 -12.05
N GLN A 257 14.15 -21.61 -12.34
CA GLN A 257 13.28 -21.55 -13.52
C GLN A 257 14.09 -21.73 -14.79
N SER A 258 15.31 -21.20 -14.82
CA SER A 258 16.16 -21.27 -16.00
C SER A 258 16.91 -22.58 -16.12
N LEU A 259 16.76 -23.50 -15.17
CA LEU A 259 17.51 -24.75 -15.14
C LEU A 259 16.58 -25.96 -15.15
N GLN A 260 15.40 -25.83 -15.76
CA GLN A 260 14.43 -26.91 -15.84
C GLN A 260 14.00 -27.38 -14.46
N GLY A 261 13.96 -26.46 -13.50
CA GLY A 261 13.60 -26.78 -12.13
C GLY A 261 14.77 -26.98 -11.20
N GLY A 262 15.96 -27.22 -11.74
CA GLY A 262 17.15 -27.29 -10.91
C GLY A 262 17.18 -28.45 -9.94
N GLN A 263 16.49 -29.55 -10.24
CA GLN A 263 16.47 -30.72 -9.38
C GLN A 263 16.97 -31.93 -10.15
N GLY A 264 17.79 -32.74 -9.49
CA GLY A 264 18.33 -33.93 -10.09
C GLY A 264 19.77 -33.76 -10.53
N PRO A 265 20.38 -34.83 -11.04
CA PRO A 265 21.79 -34.78 -11.44
C PRO A 265 22.07 -34.48 -12.90
N ALA A 266 21.05 -34.21 -13.71
CA ALA A 266 21.25 -34.03 -15.14
C ALA A 266 21.96 -32.71 -15.42
N PRO A 267 22.65 -32.60 -16.56
CA PRO A 267 23.30 -31.34 -16.93
C PRO A 267 22.37 -30.38 -17.64
N ARG A 268 22.35 -29.12 -17.22
CA ARG A 268 21.50 -28.11 -17.82
C ARG A 268 22.29 -27.25 -18.81
N ARG A 269 21.55 -26.62 -19.73
CA ARG A 269 22.11 -25.68 -20.69
C ARG A 269 21.21 -24.47 -20.78
N PRO A 270 21.29 -23.56 -19.79
CA PRO A 270 20.36 -22.42 -19.75
C PRO A 270 20.62 -21.37 -20.82
N TRP A 271 21.64 -21.54 -21.65
CA TRP A 271 22.00 -20.57 -22.67
C TRP A 271 21.50 -20.95 -24.05
N GLU A 272 20.65 -21.97 -24.15
CA GLU A 272 20.28 -22.59 -25.42
C GLU A 272 18.78 -22.44 -25.64
N ARG A 273 18.41 -21.89 -26.80
CA ARG A 273 17.02 -21.86 -27.24
C ARG A 273 16.85 -22.30 -28.68
N GLY A 274 17.93 -22.60 -29.40
CA GLY A 274 17.83 -22.94 -30.80
C GLY A 274 17.46 -21.78 -31.69
N ASP A 275 17.68 -20.55 -31.24
CA ASP A 275 17.34 -19.36 -32.01
C ASP A 275 18.45 -18.89 -32.93
N GLY A 276 19.55 -19.64 -33.04
CA GLY A 276 20.67 -19.27 -33.86
C GLY A 276 21.80 -18.58 -33.12
N GLN A 277 21.57 -18.16 -31.88
CA GLN A 277 22.58 -17.51 -31.07
C GLN A 277 23.21 -18.45 -30.05
N ASP A 278 22.95 -19.76 -30.16
CA ASP A 278 23.48 -20.70 -29.18
C ASP A 278 25.01 -20.65 -29.15
N VAL A 279 25.64 -20.61 -30.31
CA VAL A 279 27.10 -20.52 -30.36
C VAL A 279 27.56 -19.23 -29.70
N SER A 280 26.83 -18.14 -29.89
CA SER A 280 27.18 -16.86 -29.30
C SER A 280 26.62 -16.68 -27.89
N ALA A 281 25.75 -17.57 -27.44
CA ALA A 281 25.22 -17.52 -26.08
C ALA A 281 26.02 -18.38 -25.12
N ARG A 282 26.59 -19.49 -25.60
CA ARG A 282 27.50 -20.26 -24.77
C ARG A 282 28.72 -19.43 -24.39
N GLN A 283 29.19 -18.60 -25.31
CA GLN A 283 30.36 -17.77 -25.02
C GLN A 283 30.02 -16.68 -24.00
N ALA A 284 28.81 -16.14 -24.06
CA ALA A 284 28.43 -15.05 -23.17
C ALA A 284 28.16 -15.52 -21.74
N PHE A 285 27.90 -16.80 -21.54
CA PHE A 285 27.61 -17.33 -20.21
C PHE A 285 28.85 -17.78 -19.46
N GLN A 286 30.03 -17.65 -20.06
CA GLN A 286 31.26 -17.99 -19.36
C GLN A 286 31.52 -17.06 -18.17
N ALA A 287 30.82 -15.94 -18.09
CA ALA A 287 30.95 -15.00 -16.98
C ALA A 287 29.65 -14.89 -16.19
N ALA A 288 28.92 -16.00 -16.09
CA ALA A 288 27.63 -16.00 -15.41
C ALA A 288 27.53 -17.22 -14.51
N LYS A 289 26.99 -17.02 -13.32
CA LYS A 289 26.77 -18.08 -12.35
C LYS A 289 25.39 -17.88 -11.76
N ILE A 290 24.78 -18.96 -11.27
CA ILE A 290 23.36 -18.96 -10.91
C ILE A 290 23.23 -19.35 -9.44
N ILE A 291 22.39 -18.62 -8.70
CA ILE A 291 22.22 -18.84 -7.27
C ILE A 291 20.79 -19.30 -7.05
N THR A 292 20.61 -20.59 -6.75
CA THR A 292 19.30 -21.16 -6.52
C THR A 292 19.18 -21.68 -5.09
N TYR A 293 17.97 -22.09 -4.73
CA TYR A 293 17.81 -22.86 -3.50
C TYR A 293 18.55 -24.18 -3.65
N LYS A 294 18.68 -24.90 -2.53
CA LYS A 294 19.35 -26.18 -2.52
C LYS A 294 18.32 -27.29 -2.60
N ASP A 295 18.54 -28.24 -3.49
CA ASP A 295 17.65 -29.38 -3.62
C ASP A 295 18.09 -30.46 -2.63
N PRO A 296 17.25 -30.82 -1.65
CA PRO A 296 17.68 -31.82 -0.67
C PRO A 296 18.04 -33.14 -1.35
N ASP A 297 19.07 -33.80 -0.82
CA ASP A 297 19.61 -35.02 -1.43
C ASP A 297 19.32 -36.27 -0.60
N ASN A 298 18.41 -36.18 0.39
CA ASN A 298 18.15 -37.36 1.21
C ASN A 298 17.00 -38.19 0.63
N PRO A 299 17.01 -39.51 0.87
CA PRO A 299 15.96 -40.36 0.29
C PRO A 299 14.57 -40.09 0.86
N GLU A 300 14.46 -39.58 2.09
CA GLU A 300 13.15 -39.28 2.66
C GLU A 300 12.43 -38.23 1.82
N TYR A 301 13.17 -37.22 1.34
CA TYR A 301 12.57 -36.21 0.48
C TYR A 301 12.07 -36.84 -0.82
N LEU A 302 12.83 -37.75 -1.40
CA LEU A 302 12.40 -38.39 -2.65
C LEU A 302 11.14 -39.21 -2.43
N GLU A 303 11.08 -39.96 -1.33
CA GLU A 303 9.86 -40.73 -1.04
C GLU A 303 8.68 -39.80 -0.80
N PHE A 304 8.90 -38.69 -0.09
CA PHE A 304 7.83 -37.73 0.14
C PHE A 304 7.30 -37.17 -1.17
N LEU A 305 8.20 -36.81 -2.09
CA LEU A 305 7.76 -36.34 -3.40
C LEU A 305 6.98 -37.42 -4.14
N LYS A 306 7.47 -38.67 -4.06
CA LYS A 306 6.83 -39.76 -4.78
C LYS A 306 5.39 -39.96 -4.32
N GLN A 307 5.16 -39.92 -3.01
CA GLN A 307 3.81 -40.11 -2.50
C GLN A 307 3.03 -38.80 -2.37
N LEU A 308 3.65 -37.67 -2.68
CA LEU A 308 2.94 -36.40 -2.77
C LEU A 308 2.35 -36.19 -4.15
N LYS A 309 3.10 -36.53 -5.20
CA LYS A 309 2.59 -36.37 -6.55
C LYS A 309 1.37 -37.24 -6.79
N HIS A 310 1.43 -38.50 -6.36
CA HIS A 310 0.30 -39.41 -6.55
C HIS A 310 -0.94 -38.89 -5.82
N LEU A 311 -0.77 -38.45 -4.57
CA LEU A 311 -1.89 -37.94 -3.80
C LEU A 311 -2.46 -36.69 -4.43
N ALA A 312 -1.61 -35.79 -4.92
CA ALA A 312 -2.09 -34.58 -5.57
C ALA A 312 -2.90 -34.90 -6.82
N TYR A 313 -2.42 -35.82 -7.65
CA TYR A 313 -3.18 -36.22 -8.83
C TYR A 313 -4.50 -36.88 -8.46
N GLU A 314 -4.50 -37.75 -7.46
CA GLU A 314 -5.70 -38.49 -7.12
C GLU A 314 -6.75 -37.58 -6.48
N GLN A 315 -6.32 -36.56 -5.74
CA GLN A 315 -7.25 -35.84 -4.87
C GLN A 315 -7.51 -34.41 -5.28
N PHE A 316 -6.76 -33.84 -6.24
CA PHE A 316 -7.04 -32.51 -6.75
C PHE A 316 -7.05 -32.43 -8.26
N ASN A 317 -6.86 -33.55 -8.96
CA ASN A 317 -6.87 -33.57 -10.42
C ASN A 317 -5.88 -32.54 -10.97
N PHE A 318 -4.69 -32.49 -10.36
CA PHE A 318 -3.63 -31.59 -10.75
C PHE A 318 -2.32 -32.38 -10.85
N THR A 319 -1.62 -32.21 -11.97
CA THR A 319 -0.37 -32.92 -12.21
C THR A 319 0.79 -32.04 -11.75
N MET A 320 1.64 -32.61 -10.90
CA MET A 320 2.69 -31.85 -10.22
C MET A 320 4.03 -32.12 -10.92
N GLU A 321 4.42 -31.19 -11.80
CA GLU A 321 5.70 -31.31 -12.47
C GLU A 321 6.84 -31.13 -11.48
N ASP A 322 7.88 -31.94 -11.63
CA ASP A 322 8.99 -31.90 -10.70
C ASP A 322 9.78 -30.61 -10.85
N GLY A 323 10.49 -30.24 -9.79
CA GLY A 323 11.27 -29.03 -9.80
C GLY A 323 11.69 -28.65 -8.40
N LEU A 324 12.17 -27.42 -8.27
CA LEU A 324 12.65 -26.88 -7.00
C LEU A 324 11.60 -26.02 -6.31
N VAL A 325 10.41 -25.87 -6.89
CA VAL A 325 9.29 -25.24 -6.20
C VAL A 325 8.59 -26.19 -5.25
N ASN A 326 8.96 -27.47 -5.26
CA ASN A 326 8.33 -28.47 -4.39
C ASN A 326 8.85 -28.42 -2.97
N THR A 327 9.84 -27.58 -2.68
CA THR A 327 10.32 -27.43 -1.32
C THR A 327 9.40 -26.57 -0.47
N ILE A 328 8.51 -25.78 -1.10
CA ILE A 328 7.56 -24.95 -0.37
C ILE A 328 6.41 -25.83 0.09
N PRO A 329 5.84 -26.69 -0.76
CA PRO A 329 4.88 -27.68 -0.24
C PRO A 329 5.46 -28.56 0.84
N ALA A 330 6.73 -28.94 0.74
CA ALA A 330 7.36 -29.83 1.72
C ALA A 330 7.71 -29.13 3.02
N SER A 331 7.90 -27.80 2.98
CA SER A 331 8.16 -27.07 4.21
C SER A 331 6.90 -26.91 5.05
N PHE A 332 5.75 -26.66 4.41
CA PHE A 332 4.49 -26.69 5.14
C PHE A 332 4.30 -28.01 5.86
N HIS A 333 4.74 -29.10 5.22
CA HIS A 333 4.69 -30.41 5.87
C HIS A 333 5.59 -30.46 7.09
N ASP A 334 6.79 -29.86 6.99
CA ASP A 334 7.71 -29.89 8.12
C ASP A 334 7.27 -28.94 9.22
N GLY A 335 7.11 -27.65 8.88
CA GLY A 335 6.76 -26.68 9.90
C GLY A 335 5.54 -27.09 10.69
N LEU A 336 4.45 -27.46 10.01
CA LEU A 336 3.27 -27.92 10.72
C LEU A 336 3.62 -29.03 11.70
N LEU A 337 4.35 -30.05 11.24
CA LEU A 337 4.74 -31.12 12.15
C LEU A 337 5.54 -30.58 13.33
N LEU A 338 6.49 -29.67 13.07
CA LEU A 338 7.20 -29.04 14.17
C LEU A 338 6.23 -28.44 15.17
N TYR A 339 5.24 -27.68 14.66
CA TYR A 339 4.25 -27.11 15.56
C TYR A 339 3.52 -28.19 16.33
N ILE A 340 3.12 -29.27 15.65
CA ILE A 340 2.39 -30.33 16.33
C ILE A 340 3.25 -30.93 17.43
N GLN A 341 4.57 -30.88 17.29
CA GLN A 341 5.43 -31.32 18.38
C GLN A 341 5.45 -30.29 19.51
N ALA A 342 5.62 -29.02 19.17
CA ALA A 342 5.68 -27.99 20.21
C ALA A 342 4.43 -28.01 21.06
N VAL A 343 3.26 -27.94 20.42
CA VAL A 343 1.99 -27.96 21.15
C VAL A 343 1.81 -29.24 21.95
N THR A 344 2.55 -30.30 21.62
CA THR A 344 2.52 -31.48 22.47
C THR A 344 3.32 -31.27 23.74
N GLU A 345 4.55 -30.77 23.61
CA GLU A 345 5.38 -30.57 24.80
C GLU A 345 4.70 -29.62 25.77
N THR A 346 4.10 -28.54 25.26
CA THR A 346 3.33 -27.65 26.11
C THR A 346 2.32 -28.43 26.94
N LEU A 347 1.56 -29.32 26.31
CA LEU A 347 0.55 -30.08 27.04
C LEU A 347 1.20 -30.96 28.10
N ALA A 348 2.40 -31.45 27.84
CA ALA A 348 3.09 -32.27 28.82
C ALA A 348 3.47 -31.47 30.06
N HIS A 349 3.53 -30.15 29.96
CA HIS A 349 3.87 -29.30 31.09
C HIS A 349 2.65 -28.66 31.74
N GLY A 350 1.45 -29.07 31.35
CA GLY A 350 0.23 -28.54 31.92
C GLY A 350 -0.33 -27.32 31.22
N GLY A 351 0.13 -27.01 30.01
CA GLY A 351 -0.38 -25.89 29.26
C GLY A 351 -1.65 -26.26 28.51
N THR A 352 -1.98 -25.41 27.53
CA THR A 352 -3.15 -25.59 26.70
C THR A 352 -2.82 -25.26 25.26
N VAL A 353 -3.72 -25.66 24.35
CA VAL A 353 -3.49 -25.44 22.92
C VAL A 353 -3.47 -23.96 22.57
N THR A 354 -4.05 -23.10 23.41
CA THR A 354 -4.14 -21.68 23.14
C THR A 354 -3.04 -20.87 23.84
N ASP A 355 -1.93 -21.53 24.18
CA ASP A 355 -0.77 -20.84 24.75
C ASP A 355 0.18 -20.47 23.61
N GLY A 356 -0.19 -19.40 22.89
CA GLY A 356 0.60 -19.00 21.75
C GLY A 356 2.02 -18.63 22.12
N GLU A 357 2.20 -17.86 23.19
CA GLU A 357 3.53 -17.39 23.55
C GLU A 357 4.43 -18.54 23.98
N ASN A 358 3.93 -19.46 24.80
CA ASN A 358 4.73 -20.58 25.25
C ASN A 358 4.92 -21.62 24.15
N ILE A 359 3.96 -21.74 23.23
CA ILE A 359 4.12 -22.67 22.12
C ILE A 359 5.16 -22.16 21.14
N THR A 360 5.17 -20.86 20.88
CA THR A 360 6.07 -20.32 19.86
C THR A 360 7.52 -20.36 20.31
N GLN A 361 7.80 -19.95 21.55
CA GLN A 361 9.18 -19.98 22.02
C GLN A 361 9.71 -21.39 22.16
N ARG A 362 8.85 -22.41 22.06
CA ARG A 362 9.30 -23.80 22.00
C ARG A 362 9.57 -24.26 20.58
N MET A 363 9.23 -23.47 19.56
CA MET A 363 9.60 -23.74 18.19
C MET A 363 10.83 -22.96 17.75
N TRP A 364 11.00 -21.75 18.25
CA TRP A 364 12.13 -20.92 17.86
C TRP A 364 13.40 -21.38 18.54
N ASN A 365 14.51 -21.32 17.82
CA ASN A 365 15.82 -21.63 18.37
C ASN A 365 15.95 -23.12 18.71
N ARG A 366 15.42 -23.98 17.85
CA ARG A 366 15.60 -25.42 17.99
C ARG A 366 15.67 -26.05 16.62
N SER A 367 16.18 -27.28 16.58
CA SER A 367 16.36 -28.03 15.36
C SER A 367 15.32 -29.15 15.27
N PHE A 368 14.97 -29.50 14.05
CA PHE A 368 13.93 -30.49 13.77
C PHE A 368 14.38 -31.39 12.63
N GLN A 369 13.87 -32.62 12.63
CA GLN A 369 14.19 -33.61 11.60
C GLN A 369 12.96 -33.80 10.72
N GLY A 370 12.97 -33.18 9.54
CA GLY A 370 11.91 -33.30 8.59
C GLY A 370 12.32 -34.07 7.35
N VAL A 371 11.49 -33.97 6.31
CA VAL A 371 11.82 -34.59 5.03
C VAL A 371 12.80 -33.73 4.23
N THR A 372 12.94 -32.46 4.58
CA THR A 372 13.83 -31.55 3.86
C THR A 372 15.22 -31.47 4.48
N GLY A 373 15.52 -32.34 5.45
CA GLY A 373 16.82 -32.37 6.09
C GLY A 373 16.70 -32.28 7.60
N TYR A 374 17.76 -31.77 8.23
CA TYR A 374 17.76 -31.48 9.65
C TYR A 374 17.77 -29.95 9.79
N LEU A 375 16.57 -29.38 9.83
CA LEU A 375 16.41 -27.93 9.74
C LEU A 375 16.57 -27.29 11.11
N LYS A 376 16.76 -25.98 11.10
CA LYS A 376 16.86 -25.18 12.33
C LYS A 376 16.09 -23.89 12.18
N ILE A 377 15.26 -23.59 13.17
CA ILE A 377 14.58 -22.30 13.26
C ILE A 377 15.43 -21.38 14.13
N ASP A 378 15.84 -20.26 13.56
CA ASP A 378 16.75 -19.37 14.29
C ASP A 378 16.01 -18.72 15.46
N SER A 379 16.74 -17.89 16.20
CA SER A 379 16.19 -17.29 17.41
C SER A 379 15.09 -16.29 17.12
N SER A 380 15.03 -15.77 15.89
CA SER A 380 14.02 -14.80 15.50
C SER A 380 12.78 -15.44 14.90
N GLY A 381 12.77 -16.76 14.72
CA GLY A 381 11.62 -17.47 14.20
C GLY A 381 11.74 -17.88 12.75
N ASP A 382 12.68 -17.32 12.02
CA ASP A 382 12.85 -17.65 10.60
C ASP A 382 13.80 -18.83 10.44
N ARG A 383 13.50 -19.67 9.45
CA ARG A 383 14.28 -20.87 9.21
C ARG A 383 15.62 -20.53 8.56
N GLU A 384 16.62 -21.34 8.84
CA GLU A 384 17.93 -21.19 8.21
C GLU A 384 17.92 -21.87 6.85
N THR A 385 18.12 -21.10 5.80
CA THR A 385 18.01 -21.58 4.43
C THR A 385 19.38 -21.95 3.86
N ASP A 386 19.40 -23.02 3.06
CA ASP A 386 20.60 -23.50 2.40
C ASP A 386 20.50 -23.19 0.92
N PHE A 387 21.60 -22.70 0.34
CA PHE A 387 21.60 -22.24 -1.05
C PHE A 387 22.58 -23.07 -1.88
N SER A 388 22.54 -22.86 -3.19
CA SER A 388 23.39 -23.59 -4.11
C SER A 388 23.84 -22.66 -5.21
N LEU A 389 25.12 -22.78 -5.58
CA LEU A 389 25.72 -21.97 -6.64
C LEU A 389 26.12 -22.89 -7.79
N TRP A 390 25.60 -22.55 -8.98
CA TRP A 390 25.76 -23.29 -10.22
C TRP A 390 26.74 -22.54 -11.11
N ASP A 391 27.63 -23.29 -11.75
CA ASP A 391 28.65 -22.74 -12.63
C ASP A 391 28.80 -23.64 -13.85
N MET A 392 29.38 -23.09 -14.91
CA MET A 392 29.47 -23.77 -16.21
C MET A 392 30.72 -24.62 -16.30
N ASP A 393 30.56 -25.85 -16.76
CA ASP A 393 31.70 -26.73 -17.01
C ASP A 393 32.47 -26.22 -18.21
N PRO A 394 33.79 -26.02 -18.12
CA PRO A 394 34.54 -25.51 -19.29
C PRO A 394 34.47 -26.40 -20.51
N GLU A 395 34.37 -27.72 -20.33
CA GLU A 395 34.45 -28.66 -21.45
C GLU A 395 33.09 -28.87 -22.12
N ASN A 396 32.12 -29.38 -21.35
CA ASN A 396 30.83 -29.70 -21.94
C ASN A 396 30.04 -28.45 -22.30
N GLY A 397 30.15 -27.41 -21.49
CA GLY A 397 29.33 -26.23 -21.66
C GLY A 397 28.01 -26.28 -20.92
N ALA A 398 27.78 -27.30 -20.10
CA ALA A 398 26.54 -27.47 -19.35
C ALA A 398 26.74 -27.01 -17.92
N PHE A 399 25.65 -26.51 -17.32
CA PHE A 399 25.72 -26.00 -15.96
C PHE A 399 25.61 -27.14 -14.95
N ARG A 400 26.17 -26.90 -13.77
CA ARG A 400 26.23 -27.90 -12.72
C ARG A 400 26.36 -27.19 -11.38
N VAL A 401 25.98 -27.88 -10.32
CA VAL A 401 26.14 -27.34 -8.97
C VAL A 401 27.60 -27.47 -8.56
N VAL A 402 28.19 -26.35 -8.13
CA VAL A 402 29.58 -26.36 -7.71
C VAL A 402 29.76 -25.90 -6.27
N LEU A 403 28.79 -25.22 -5.66
CA LEU A 403 28.92 -24.88 -4.24
C LEU A 403 27.59 -25.07 -3.53
N ASN A 404 27.65 -25.57 -2.30
CA ASN A 404 26.49 -25.68 -1.43
C ASN A 404 26.72 -24.90 -0.15
N TYR A 405 25.72 -24.14 0.28
CA TYR A 405 25.82 -23.28 1.44
C TYR A 405 24.84 -23.76 2.49
N ASN A 406 25.38 -24.16 3.65
CA ASN A 406 24.60 -24.64 4.79
C ASN A 406 24.26 -23.44 5.65
N GLY A 407 22.97 -23.10 5.72
CA GLY A 407 22.56 -21.90 6.43
C GLY A 407 22.84 -21.96 7.92
N THR A 408 22.73 -23.16 8.52
CA THR A 408 22.88 -23.27 9.96
C THR A 408 24.28 -22.88 10.42
N SER A 409 25.31 -23.47 9.79
CA SER A 409 26.69 -23.25 10.22
C SER A 409 27.42 -22.23 9.36
N GLN A 410 26.88 -21.89 8.18
CA GLN A 410 27.42 -20.81 7.35
C GLN A 410 28.78 -21.14 6.75
N GLU A 411 28.95 -22.37 6.27
CA GLU A 411 30.13 -22.75 5.51
C GLU A 411 29.73 -23.11 4.08
N LEU A 412 30.68 -22.97 3.17
CA LEU A 412 30.51 -23.31 1.77
C LEU A 412 31.28 -24.60 1.49
N VAL A 413 30.63 -25.54 0.81
CA VAL A 413 31.20 -26.85 0.52
C VAL A 413 31.24 -27.04 -0.99
N ALA A 414 32.41 -27.42 -1.49
CA ALA A 414 32.53 -27.84 -2.88
C ALA A 414 31.96 -29.23 -3.06
N VAL A 415 31.42 -29.49 -4.24
CA VAL A 415 30.64 -30.69 -4.51
C VAL A 415 31.44 -31.64 -5.39
N SER A 416 31.69 -32.84 -4.87
CA SER A 416 32.26 -33.93 -5.66
C SER A 416 33.53 -33.49 -6.40
N GLY A 417 34.42 -32.82 -5.67
CA GLY A 417 35.68 -32.39 -6.26
C GLY A 417 35.51 -31.48 -7.45
N ARG A 418 34.59 -30.51 -7.34
CA ARG A 418 34.37 -29.52 -8.39
C ARG A 418 34.97 -28.19 -7.96
N LYS A 419 35.15 -27.30 -8.93
CA LYS A 419 35.73 -26.00 -8.68
C LYS A 419 35.08 -24.97 -9.59
N LEU A 420 35.06 -23.72 -9.12
CA LEU A 420 34.50 -22.64 -9.92
C LEU A 420 35.30 -22.45 -11.19
N ASN A 421 34.61 -22.27 -12.31
CA ASN A 421 35.25 -22.05 -13.61
C ASN A 421 35.44 -20.54 -13.79
N TRP A 422 36.59 -20.04 -13.40
CA TRP A 422 36.90 -18.63 -13.57
C TRP A 422 37.62 -18.43 -14.90
N PRO A 423 37.13 -17.55 -15.79
CA PRO A 423 37.75 -17.46 -17.12
C PRO A 423 39.22 -17.11 -17.10
N LEU A 424 39.73 -16.54 -16.00
CA LEU A 424 41.13 -16.16 -15.90
C LEU A 424 41.91 -17.01 -14.91
N GLY A 425 41.24 -17.88 -14.15
CA GLY A 425 41.88 -18.75 -13.17
C GLY A 425 41.65 -18.34 -11.74
N TYR A 426 41.28 -17.09 -11.50
CA TYR A 426 41.00 -16.58 -10.17
C TYR A 426 39.88 -15.56 -10.27
N PRO A 427 39.19 -15.27 -9.17
CA PRO A 427 38.05 -14.36 -9.23
C PRO A 427 38.47 -12.98 -9.72
N PRO A 428 37.64 -12.32 -10.52
CA PRO A 428 37.98 -10.97 -10.95
C PRO A 428 38.01 -10.02 -9.77
N PRO A 429 38.86 -9.00 -9.81
CA PRO A 429 38.78 -7.95 -8.78
C PRO A 429 37.45 -7.21 -8.87
N ASP A 430 36.94 -6.79 -7.72
CA ASP A 430 35.72 -6.01 -7.65
C ASP A 430 35.97 -4.51 -7.79
N ILE A 431 37.22 -4.12 -7.95
CA ILE A 431 37.59 -2.73 -8.25
C ILE A 431 38.76 -2.78 -9.23
N PRO A 432 38.65 -2.15 -10.41
CA PRO A 432 39.71 -2.34 -11.41
C PRO A 432 41.00 -1.63 -11.02
N LYS A 433 41.99 -1.64 -11.93
CA LYS A 433 43.30 -1.09 -11.63
C LYS A 433 43.22 0.34 -11.12
N CYS A 434 42.39 1.16 -11.76
CA CYS A 434 42.21 2.56 -11.38
C CYS A 434 40.75 2.88 -11.05
N GLY A 435 39.99 1.92 -10.54
CA GLY A 435 38.63 2.19 -10.15
C GLY A 435 37.72 2.37 -11.35
N PHE A 436 36.62 3.08 -11.11
CA PHE A 436 35.62 3.33 -12.14
C PHE A 436 35.71 4.77 -12.65
N GLY B 12 -36.08 -0.07 21.40
CA GLY B 12 -34.76 -0.76 21.32
C GLY B 12 -33.59 0.22 21.27
N ASN B 13 -32.40 -0.32 21.04
CA ASN B 13 -31.18 0.48 20.95
C ASN B 13 -30.65 0.49 19.53
N LEU B 14 -29.80 1.46 19.24
CA LEU B 14 -29.16 1.59 17.93
C LEU B 14 -27.70 2.00 18.16
N THR B 15 -26.81 1.02 18.14
CA THR B 15 -25.40 1.30 18.35
C THR B 15 -24.81 1.99 17.13
N VAL B 16 -23.81 2.83 17.38
CA VAL B 16 -23.12 3.56 16.31
C VAL B 16 -21.63 3.46 16.57
N ALA B 17 -20.95 2.57 15.86
CA ALA B 17 -19.51 2.40 16.04
C ALA B 17 -18.77 3.60 15.47
N VAL B 18 -17.82 4.12 16.23
CA VAL B 18 -17.02 5.27 15.84
C VAL B 18 -15.57 4.85 15.77
N VAL B 19 -14.92 5.09 14.64
CA VAL B 19 -13.51 4.77 14.44
C VAL B 19 -12.83 6.06 14.01
N LEU B 20 -12.34 6.82 14.97
CA LEU B 20 -11.76 8.14 14.74
C LEU B 20 -10.60 8.34 15.71
N PRO B 21 -9.71 9.29 15.42
CA PRO B 21 -8.62 9.59 16.37
C PRO B 21 -9.16 10.13 17.68
N LEU B 22 -8.99 9.37 18.76
CA LEU B 22 -9.57 9.74 20.04
C LEU B 22 -8.66 10.61 20.89
N ALA B 23 -7.36 10.63 20.62
CA ALA B 23 -6.41 11.41 21.41
C ALA B 23 -5.71 12.48 20.61
N ASN B 24 -5.39 12.24 19.34
CA ASN B 24 -4.77 13.24 18.49
C ASN B 24 -5.81 14.28 18.10
N THR B 25 -5.55 15.55 18.45
CA THR B 25 -6.49 16.64 18.23
C THR B 25 -6.02 17.58 17.12
N SER B 26 -5.42 17.04 16.07
CA SER B 26 -4.87 17.84 14.98
C SER B 26 -5.46 17.45 13.63
N TYR B 27 -6.64 16.84 13.60
CA TYR B 27 -7.28 16.42 12.37
C TYR B 27 -8.62 17.13 12.22
N PRO B 28 -9.06 17.40 10.99
CA PRO B 28 -10.40 17.99 10.81
C PRO B 28 -11.52 17.11 11.31
N TRP B 29 -11.27 15.81 11.48
CA TRP B 29 -12.27 14.85 11.91
C TRP B 29 -11.94 14.23 13.27
N SER B 30 -10.95 14.78 13.97
CA SER B 30 -10.55 14.19 15.23
C SER B 30 -11.70 14.22 16.24
N TRP B 31 -11.74 13.20 17.09
CA TRP B 31 -12.85 13.07 18.02
C TRP B 31 -12.98 14.27 18.95
N ALA B 32 -11.91 15.02 19.17
CA ALA B 32 -11.97 16.19 20.05
C ALA B 32 -12.81 17.32 19.46
N ARG B 33 -13.12 17.27 18.17
CA ARG B 33 -13.99 18.25 17.53
C ARG B 33 -15.21 17.64 16.87
N VAL B 34 -15.19 16.35 16.56
CA VAL B 34 -16.37 15.67 16.03
C VAL B 34 -17.24 15.12 17.16
N GLY B 35 -16.71 14.97 18.37
CA GLY B 35 -17.44 14.43 19.47
C GLY B 35 -18.63 15.27 19.87
N PRO B 36 -18.41 16.57 20.09
CA PRO B 36 -19.55 17.44 20.41
C PRO B 36 -20.52 17.61 19.25
N ALA B 37 -20.08 17.46 18.01
CA ALA B 37 -21.01 17.47 16.89
C ALA B 37 -22.00 16.31 16.99
N VAL B 38 -21.49 15.09 17.19
CA VAL B 38 -22.35 13.93 17.34
C VAL B 38 -23.19 14.06 18.60
N GLU B 39 -22.62 14.63 19.66
CA GLU B 39 -23.39 14.82 20.89
C GLU B 39 -24.56 15.77 20.68
N LEU B 40 -24.34 16.87 19.96
CA LEU B 40 -25.44 17.76 19.62
C LEU B 40 -26.48 17.08 18.74
N ALA B 41 -26.01 16.30 17.75
CA ALA B 41 -26.93 15.57 16.89
C ALA B 41 -27.83 14.65 17.70
N LEU B 42 -27.23 13.86 18.60
CA LEU B 42 -28.00 12.92 19.40
C LEU B 42 -28.88 13.63 20.42
N ALA B 43 -28.48 14.82 20.89
CA ALA B 43 -29.35 15.60 21.74
C ALA B 43 -30.57 16.09 20.98
N GLN B 44 -30.40 16.46 19.72
CA GLN B 44 -31.51 16.89 18.89
C GLN B 44 -32.41 15.72 18.48
N VAL B 45 -31.84 14.52 18.31
CA VAL B 45 -32.66 13.36 17.96
C VAL B 45 -33.61 13.02 19.10
N LYS B 46 -33.16 13.18 20.34
CA LYS B 46 -33.95 12.77 21.50
C LYS B 46 -35.01 13.80 21.88
N ALA B 47 -35.01 14.98 21.26
CA ALA B 47 -36.01 15.99 21.52
C ALA B 47 -37.08 16.08 20.44
N ARG B 48 -36.91 15.38 19.32
CA ARG B 48 -37.85 15.44 18.22
C ARG B 48 -38.63 14.13 18.15
N PRO B 49 -39.95 14.12 18.40
CA PRO B 49 -40.70 12.86 18.31
C PRO B 49 -40.70 12.24 16.93
N ASP B 50 -40.41 13.01 15.89
CA ASP B 50 -40.46 12.51 14.51
C ASP B 50 -39.25 11.66 14.14
N LEU B 51 -38.25 11.56 15.00
CA LEU B 51 -37.02 10.83 14.71
C LEU B 51 -36.94 9.64 15.66
N LEU B 52 -37.06 8.43 15.11
CA LEU B 52 -36.92 7.19 15.88
C LEU B 52 -37.72 7.28 17.17
N PRO B 53 -39.05 7.23 17.09
CA PRO B 53 -39.86 7.44 18.30
C PRO B 53 -39.65 6.35 19.34
N GLY B 54 -39.07 6.72 20.48
CA GLY B 54 -38.89 5.83 21.60
C GLY B 54 -37.55 5.11 21.65
N TRP B 55 -36.80 5.10 20.56
CA TRP B 55 -35.52 4.42 20.54
C TRP B 55 -34.45 5.26 21.24
N THR B 56 -33.32 4.63 21.51
CA THR B 56 -32.14 5.30 22.07
C THR B 56 -30.93 4.97 21.21
N VAL B 57 -30.12 5.98 20.93
CA VAL B 57 -28.94 5.85 20.09
C VAL B 57 -27.71 5.97 20.98
N ARG B 58 -26.81 4.99 20.87
CA ARG B 58 -25.57 4.96 21.63
C ARG B 58 -24.39 5.02 20.68
N THR B 59 -23.21 5.27 21.25
CA THR B 59 -21.98 5.25 20.49
C THR B 59 -20.96 4.40 21.23
N VAL B 60 -20.35 3.46 20.52
CA VAL B 60 -19.24 2.68 21.02
C VAL B 60 -18.04 3.04 20.16
N LEU B 61 -17.04 3.66 20.78
CA LEU B 61 -16.00 4.37 20.05
C LEU B 61 -14.66 3.66 20.17
N GLY B 62 -14.03 3.39 19.03
CA GLY B 62 -12.68 2.90 18.98
C GLY B 62 -11.79 3.92 18.28
N SER B 63 -10.50 3.64 18.30
CA SER B 63 -9.49 4.58 17.81
C SER B 63 -8.82 4.03 16.57
N SER B 64 -8.50 4.94 15.64
CA SER B 64 -7.91 4.58 14.35
C SER B 64 -6.48 5.10 14.23
N GLU B 65 -5.72 5.04 15.32
CA GLU B 65 -4.36 5.55 15.33
C GLU B 65 -3.45 4.57 16.05
N ASN B 66 -2.18 4.60 15.68
CA ASN B 66 -1.20 3.65 16.17
C ASN B 66 -0.48 4.21 17.39
N ALA B 67 0.57 3.51 17.81
CA ALA B 67 1.33 3.89 19.00
C ALA B 67 1.87 5.30 18.89
N LEU B 68 2.32 5.69 17.69
CA LEU B 68 2.88 7.02 17.52
C LEU B 68 1.83 8.11 17.68
N GLY B 69 0.56 7.79 17.42
CA GLY B 69 -0.52 8.74 17.58
C GLY B 69 -1.05 9.33 16.29
N VAL B 70 -0.94 8.61 15.18
CA VAL B 70 -1.29 9.15 13.86
C VAL B 70 -2.20 8.13 13.17
N CYS B 71 -2.90 8.58 12.13
CA CYS B 71 -3.65 7.69 11.25
C CYS B 71 -2.85 6.44 10.94
N SER B 72 -3.52 5.29 10.91
CA SER B 72 -2.87 4.06 10.46
C SER B 72 -3.91 3.18 9.80
N ASP B 73 -3.58 2.64 8.63
CA ASP B 73 -4.38 1.59 8.04
C ASP B 73 -4.20 0.26 8.76
N THR B 74 -3.28 0.20 9.72
CA THR B 74 -2.99 -1.04 10.44
C THR B 74 -3.90 -1.21 11.64
N ALA B 75 -4.24 -0.11 12.32
CA ALA B 75 -5.03 -0.17 13.54
C ALA B 75 -6.50 0.15 13.34
N ALA B 76 -6.85 0.85 12.26
CA ALA B 76 -8.25 1.17 12.00
C ALA B 76 -9.07 -0.08 11.75
N PRO B 77 -8.66 -0.97 10.84
CA PRO B 77 -9.38 -2.24 10.69
C PRO B 77 -9.37 -3.10 11.94
N LEU B 78 -8.31 -3.08 12.73
CA LEU B 78 -8.29 -3.84 13.97
C LEU B 78 -9.37 -3.34 14.92
N ALA B 79 -9.47 -2.02 15.09
CA ALA B 79 -10.50 -1.45 15.94
C ALA B 79 -11.90 -1.73 15.39
N ALA B 80 -12.07 -1.64 14.07
CA ALA B 80 -13.37 -1.91 13.48
C ALA B 80 -13.80 -3.35 13.71
N VAL B 81 -12.86 -4.29 13.55
CA VAL B 81 -13.19 -5.70 13.77
C VAL B 81 -13.53 -5.95 15.23
N ASP B 82 -12.77 -5.34 16.16
CA ASP B 82 -13.10 -5.51 17.57
C ASP B 82 -14.49 -4.96 17.89
N LEU B 83 -14.81 -3.78 17.37
CA LEU B 83 -16.12 -3.19 17.62
C LEU B 83 -17.23 -4.06 17.03
N LYS B 84 -17.04 -4.56 15.82
CA LYS B 84 -18.05 -5.41 15.19
C LYS B 84 -18.27 -6.68 15.99
N TRP B 85 -17.18 -7.34 16.42
CA TRP B 85 -17.33 -8.57 17.16
C TRP B 85 -17.99 -8.37 18.51
N GLU B 86 -17.69 -7.27 19.19
CA GLU B 86 -18.18 -7.08 20.56
C GLU B 86 -19.58 -6.47 20.61
N HIS B 87 -19.81 -5.36 19.90
CA HIS B 87 -21.04 -4.60 20.07
C HIS B 87 -22.07 -4.81 18.97
N ASN B 88 -21.66 -5.31 17.81
CA ASN B 88 -22.60 -5.54 16.71
C ASN B 88 -23.28 -4.22 16.33
N PRO B 89 -22.55 -3.28 15.74
CA PRO B 89 -23.14 -1.97 15.43
C PRO B 89 -24.11 -2.04 14.26
N ALA B 90 -24.96 -1.02 14.17
CA ALA B 90 -25.86 -0.85 13.05
C ALA B 90 -25.31 0.09 11.99
N VAL B 91 -24.29 0.87 12.31
CA VAL B 91 -23.69 1.80 11.36
C VAL B 91 -22.32 2.18 11.88
N PHE B 92 -21.45 2.62 10.99
CA PHE B 92 -20.09 3.06 11.33
C PHE B 92 -19.94 4.52 10.94
N LEU B 93 -19.47 5.34 11.87
CA LEU B 93 -18.93 6.66 11.53
C LEU B 93 -17.45 6.47 11.17
N GLY B 94 -17.26 5.73 10.09
CA GLY B 94 -15.96 5.18 9.75
C GLY B 94 -14.90 6.25 9.65
N PRO B 95 -13.66 5.83 9.45
CA PRO B 95 -12.55 6.79 9.44
C PRO B 95 -12.75 7.84 8.37
N GLY B 96 -12.38 9.07 8.68
CA GLY B 96 -12.31 10.12 7.70
C GLY B 96 -10.97 10.23 7.03
N CYS B 97 -10.06 9.30 7.33
CA CYS B 97 -8.68 9.39 6.92
C CYS B 97 -8.46 8.46 5.73
N VAL B 98 -7.75 8.97 4.72
CA VAL B 98 -7.72 8.29 3.42
C VAL B 98 -7.15 6.88 3.55
N TYR B 99 -6.11 6.71 4.37
CA TYR B 99 -5.47 5.42 4.51
C TYR B 99 -6.20 4.49 5.47
N ALA B 100 -6.82 5.05 6.52
CA ALA B 100 -7.59 4.24 7.45
C ALA B 100 -8.94 3.84 6.87
N ALA B 101 -9.49 4.65 5.97
CA ALA B 101 -10.85 4.45 5.50
C ALA B 101 -10.99 3.29 4.52
N ALA B 102 -9.96 2.96 3.75
CA ALA B 102 -10.10 1.95 2.70
C ALA B 102 -10.34 0.56 3.27
N PRO B 103 -9.45 0.03 4.11
CA PRO B 103 -9.71 -1.31 4.68
C PRO B 103 -10.98 -1.38 5.49
N VAL B 104 -11.32 -0.33 6.24
CA VAL B 104 -12.55 -0.37 7.03
C VAL B 104 -13.78 -0.34 6.12
N GLY B 105 -13.74 0.42 5.04
CA GLY B 105 -14.85 0.41 4.10
C GLY B 105 -15.01 -0.93 3.42
N ARG B 106 -13.90 -1.58 3.09
CA ARG B 106 -13.99 -2.92 2.51
C ARG B 106 -14.57 -3.91 3.51
N PHE B 107 -14.16 -3.82 4.78
CA PHE B 107 -14.72 -4.69 5.80
C PHE B 107 -16.23 -4.48 5.94
N THR B 108 -16.66 -3.22 6.03
CA THR B 108 -18.08 -2.93 6.21
C THR B 108 -18.90 -3.26 4.98
N ALA B 109 -18.32 -3.13 3.78
CA ALA B 109 -19.01 -3.60 2.59
C ALA B 109 -19.18 -5.11 2.61
N HIS B 110 -18.19 -5.83 3.13
CA HIS B 110 -18.32 -7.28 3.25
C HIS B 110 -19.35 -7.66 4.31
N TRP B 111 -19.49 -6.87 5.38
CA TRP B 111 -20.44 -7.16 6.43
C TRP B 111 -21.86 -6.70 6.16
N ARG B 112 -22.07 -5.91 5.09
CA ARG B 112 -23.39 -5.34 4.77
C ARG B 112 -23.86 -4.36 5.85
N VAL B 113 -22.96 -3.47 6.26
CA VAL B 113 -23.23 -2.46 7.28
C VAL B 113 -22.96 -1.09 6.67
N PRO B 114 -23.88 -0.13 6.76
CA PRO B 114 -23.61 1.20 6.22
C PRO B 114 -22.45 1.87 6.95
N LEU B 115 -21.76 2.75 6.24
CA LEU B 115 -20.61 3.48 6.78
C LEU B 115 -20.72 4.95 6.39
N LEU B 116 -20.95 5.81 7.37
CA LEU B 116 -20.96 7.24 7.16
C LEU B 116 -19.59 7.84 7.44
N THR B 117 -19.26 8.89 6.71
CA THR B 117 -17.99 9.58 6.92
C THR B 117 -18.03 10.91 6.20
N ALA B 118 -17.56 11.96 6.87
CA ALA B 118 -17.34 13.25 6.24
C ALA B 118 -15.91 13.42 5.76
N GLY B 119 -15.06 12.40 5.95
CA GLY B 119 -13.73 12.43 5.41
C GLY B 119 -13.58 11.46 4.25
N ALA B 120 -12.43 10.80 4.16
CA ALA B 120 -12.16 9.85 3.08
C ALA B 120 -12.50 10.45 1.71
N PRO B 121 -11.90 11.59 1.36
CA PRO B 121 -12.25 12.25 0.10
C PRO B 121 -11.56 11.68 -1.12
N ALA B 122 -10.68 10.69 -0.97
CA ALA B 122 -9.91 10.16 -2.08
C ALA B 122 -10.81 9.69 -3.21
N LEU B 123 -10.27 9.57 -4.42
CA LEU B 123 -11.06 9.17 -5.57
C LEU B 123 -11.39 7.68 -5.54
N GLY B 124 -10.45 6.84 -5.10
CA GLY B 124 -10.65 5.41 -5.10
C GLY B 124 -11.77 4.94 -4.18
N PHE B 125 -12.16 5.77 -3.21
CA PHE B 125 -13.25 5.43 -2.30
C PHE B 125 -14.63 5.57 -2.95
N GLY B 126 -14.71 6.20 -4.12
CA GLY B 126 -15.96 6.40 -4.82
C GLY B 126 -16.32 5.31 -5.80
N VAL B 127 -15.57 4.20 -5.82
CA VAL B 127 -15.92 3.04 -6.64
C VAL B 127 -16.88 2.20 -5.82
N LYS B 128 -18.19 2.45 -5.99
CA LYS B 128 -19.21 1.85 -5.15
C LYS B 128 -19.55 0.42 -5.54
N ASP B 129 -18.70 -0.22 -6.34
CA ASP B 129 -18.78 -1.67 -6.53
C ASP B 129 -17.91 -2.40 -5.52
N GLU B 130 -16.79 -1.78 -5.12
CA GLU B 130 -15.94 -2.32 -4.07
C GLU B 130 -16.28 -1.76 -2.70
N TYR B 131 -17.03 -0.65 -2.64
CA TYR B 131 -17.32 0.03 -1.39
C TYR B 131 -18.82 0.21 -1.22
N ALA B 132 -19.58 -0.87 -1.40
CA ALA B 132 -21.03 -0.78 -1.31
C ALA B 132 -21.47 -0.34 0.08
N LEU B 133 -22.56 0.42 0.12
CA LEU B 133 -23.26 0.87 1.32
C LEU B 133 -22.59 2.05 2.00
N THR B 134 -21.45 2.53 1.53
CA THR B 134 -20.76 3.64 2.17
C THR B 134 -21.27 4.97 1.63
N THR B 135 -21.49 5.91 2.53
CA THR B 135 -21.94 7.25 2.19
C THR B 135 -20.89 8.27 2.61
N ARG B 136 -20.80 9.36 1.86
CA ARG B 136 -19.89 10.45 2.15
C ARG B 136 -20.70 11.73 2.27
N ALA B 137 -20.90 12.19 3.50
CA ALA B 137 -21.67 13.39 3.77
C ALA B 137 -20.82 14.65 3.79
N GLY B 138 -19.52 14.52 3.49
CA GLY B 138 -18.63 15.66 3.48
C GLY B 138 -17.99 15.86 2.13
N PRO B 139 -17.10 16.84 2.03
CA PRO B 139 -16.49 17.15 0.74
C PRO B 139 -15.74 15.96 0.16
N SER B 140 -15.75 15.87 -1.17
CA SER B 140 -14.98 14.90 -1.93
C SER B 140 -13.97 15.63 -2.79
N TYR B 141 -12.95 14.90 -3.24
CA TYR B 141 -11.92 15.50 -4.08
C TYR B 141 -12.32 15.54 -5.54
N ALA B 142 -13.05 14.53 -6.03
CA ALA B 142 -13.46 14.54 -7.43
C ALA B 142 -14.48 15.64 -7.70
N LYS B 143 -15.27 16.01 -6.69
CA LYS B 143 -16.23 17.09 -6.86
C LYS B 143 -15.57 18.43 -7.13
N LEU B 144 -14.27 18.54 -6.85
CA LEU B 144 -13.51 19.74 -7.20
C LEU B 144 -13.16 19.79 -8.68
N GLY B 145 -13.24 18.65 -9.38
CA GLY B 145 -13.08 18.66 -10.83
C GLY B 145 -14.30 19.18 -11.56
N ASP B 146 -15.48 19.10 -10.94
CA ASP B 146 -16.66 19.75 -11.52
C ASP B 146 -16.51 21.27 -11.48
N PHE B 147 -15.90 21.80 -10.42
CA PHE B 147 -15.79 23.24 -10.26
C PHE B 147 -14.91 23.85 -11.36
N VAL B 148 -13.71 23.31 -11.55
CA VAL B 148 -12.80 23.87 -12.55
C VAL B 148 -13.39 23.68 -13.94
N ALA B 149 -14.06 22.55 -14.18
CA ALA B 149 -14.77 22.37 -15.44
C ALA B 149 -15.75 23.51 -15.67
N ALA B 150 -16.39 23.98 -14.61
CA ALA B 150 -17.32 25.11 -14.74
C ALA B 150 -16.58 26.43 -14.96
N LEU B 151 -15.34 26.53 -14.45
CA LEU B 151 -14.53 27.71 -14.74
C LEU B 151 -14.16 27.76 -16.22
N HIS B 152 -13.65 26.65 -16.75
CA HIS B 152 -13.13 26.65 -18.10
C HIS B 152 -14.21 26.98 -19.12
N ARG B 153 -15.41 26.42 -18.93
CA ARG B 153 -16.52 26.78 -19.82
C ARG B 153 -16.83 28.28 -19.72
N ARG B 154 -16.77 28.84 -18.51
CA ARG B 154 -17.16 30.24 -18.35
C ARG B 154 -16.09 31.18 -18.88
N LEU B 155 -14.82 30.88 -18.61
CA LEU B 155 -13.72 31.77 -18.99
C LEU B 155 -13.18 31.49 -20.39
N GLY B 156 -13.69 30.47 -21.07
CA GLY B 156 -13.33 30.21 -22.45
C GLY B 156 -12.10 29.33 -22.66
N TRP B 157 -11.45 28.89 -21.59
CA TRP B 157 -10.30 28.00 -21.74
C TRP B 157 -10.80 26.60 -22.09
N GLU B 158 -10.34 26.07 -23.24
CA GLU B 158 -10.76 24.75 -23.66
C GLU B 158 -9.63 23.95 -24.32
N ARG B 159 -8.37 24.29 -24.07
CA ARG B 159 -7.27 23.68 -24.78
C ARG B 159 -6.33 22.87 -23.90
N GLN B 160 -5.78 23.46 -22.83
CA GLN B 160 -4.74 22.76 -22.08
C GLN B 160 -4.64 23.35 -20.68
N ALA B 161 -4.07 22.54 -19.78
CA ALA B 161 -3.92 22.91 -18.37
C ALA B 161 -2.78 22.10 -17.76
N LEU B 162 -2.23 22.61 -16.66
CA LEU B 162 -1.15 21.96 -15.93
C LEU B 162 -1.48 21.91 -14.45
N MET B 163 -1.05 20.84 -13.79
CA MET B 163 -1.41 20.58 -12.39
C MET B 163 -0.17 20.12 -11.63
N LEU B 164 0.33 20.97 -10.74
CA LEU B 164 1.46 20.67 -9.89
C LEU B 164 0.98 20.29 -8.49
N TYR B 165 1.61 19.27 -7.90
CA TYR B 165 1.28 18.90 -6.54
C TYR B 165 2.55 18.66 -5.75
N ALA B 166 2.68 19.35 -4.62
CA ALA B 166 3.88 19.28 -3.79
C ALA B 166 3.92 17.96 -3.02
N TYR B 167 5.11 17.63 -2.54
CA TYR B 167 5.33 16.45 -1.71
C TYR B 167 5.99 16.87 -0.41
N ARG B 168 5.48 16.37 0.72
CA ARG B 168 6.08 16.59 2.01
C ARG B 168 6.15 15.27 2.78
N PRO B 169 7.24 14.99 3.49
CA PRO B 169 7.32 13.71 4.20
C PRO B 169 6.20 13.49 5.21
N GLY B 170 5.77 14.54 5.90
CA GLY B 170 4.82 14.38 6.98
C GLY B 170 3.42 14.04 6.54
N ASP B 171 2.80 14.93 5.78
CA ASP B 171 1.40 14.79 5.39
C ASP B 171 1.13 13.45 4.75
N GLU B 172 -0.12 13.00 4.76
CA GLU B 172 -0.50 11.71 4.19
C GLU B 172 -0.80 11.83 2.71
N GLU B 173 0.14 12.41 1.98
CA GLU B 173 0.00 12.66 0.55
C GLU B 173 -1.32 13.35 0.25
N HIS B 174 -1.54 14.48 0.93
CA HIS B 174 -2.79 15.21 0.76
C HIS B 174 -2.97 15.70 -0.66
N CYS B 175 -1.97 16.41 -1.20
CA CYS B 175 -2.10 16.96 -2.55
C CYS B 175 -2.03 15.90 -3.64
N PHE B 176 -1.32 14.80 -3.42
CA PHE B 176 -1.36 13.73 -4.41
C PHE B 176 -2.79 13.29 -4.66
N PHE B 177 -3.52 12.96 -3.59
CA PHE B 177 -4.91 12.53 -3.76
C PHE B 177 -5.78 13.66 -4.27
N LEU B 178 -5.57 14.89 -3.76
CA LEU B 178 -6.38 16.01 -4.21
C LEU B 178 -6.31 16.18 -5.72
N VAL B 179 -5.09 16.27 -6.26
CA VAL B 179 -4.95 16.47 -7.70
C VAL B 179 -5.23 15.20 -8.48
N GLU B 180 -5.08 14.03 -7.88
CA GLU B 180 -5.50 12.81 -8.56
C GLU B 180 -6.99 12.87 -8.87
N GLY B 181 -7.79 13.16 -7.86
CA GLY B 181 -9.23 13.29 -8.08
C GLY B 181 -9.56 14.41 -9.06
N LEU B 182 -8.95 15.59 -8.86
CA LEU B 182 -9.23 16.71 -9.76
C LEU B 182 -8.91 16.35 -11.20
N PHE B 183 -7.72 15.78 -11.44
CA PHE B 183 -7.27 15.43 -12.77
C PHE B 183 -8.17 14.38 -13.41
N MET B 184 -8.51 13.34 -12.65
CA MET B 184 -9.32 12.26 -13.21
C MET B 184 -10.70 12.75 -13.59
N ARG B 185 -11.33 13.60 -12.77
CA ARG B 185 -12.64 14.11 -13.15
C ARG B 185 -12.55 15.16 -14.25
N VAL B 186 -11.48 15.96 -14.29
CA VAL B 186 -11.37 16.98 -15.33
C VAL B 186 -11.15 16.35 -16.70
N ARG B 187 -10.53 15.19 -16.77
CA ARG B 187 -10.36 14.49 -18.06
C ARG B 187 -11.75 14.12 -18.54
N ASP B 188 -12.59 13.60 -17.66
CA ASP B 188 -13.90 13.12 -18.06
C ASP B 188 -14.81 14.27 -18.49
N ARG B 189 -14.85 15.35 -17.70
CA ARG B 189 -15.78 16.42 -18.01
C ARG B 189 -15.35 17.20 -19.26
N LEU B 190 -14.05 17.41 -19.43
CA LEU B 190 -13.53 18.17 -20.56
C LEU B 190 -12.57 17.33 -21.39
N ASN B 191 -12.57 17.57 -22.69
CA ASN B 191 -11.62 16.94 -23.60
C ASN B 191 -10.46 17.90 -23.86
N ILE B 192 -9.69 18.14 -22.81
CA ILE B 192 -8.54 19.04 -22.85
C ILE B 192 -7.29 18.26 -22.46
N THR B 193 -6.14 18.82 -22.83
CA THR B 193 -4.85 18.21 -22.55
C THR B 193 -4.34 18.72 -21.21
N VAL B 194 -4.16 17.81 -20.26
CA VAL B 194 -3.75 18.16 -18.91
C VAL B 194 -2.39 17.53 -18.63
N ASP B 195 -1.58 18.25 -17.87
CA ASP B 195 -0.28 17.77 -17.44
C ASP B 195 -0.26 17.63 -15.93
N HIS B 196 0.59 16.73 -15.43
CA HIS B 196 0.49 16.17 -14.09
C HIS B 196 1.88 16.06 -13.49
N LEU B 197 2.30 17.03 -12.68
CA LEU B 197 3.67 17.10 -12.18
C LEU B 197 3.72 17.12 -10.66
N GLU B 198 4.87 16.71 -10.13
CA GLU B 198 5.14 16.69 -8.71
C GLU B 198 6.47 17.38 -8.44
N PHE B 199 6.58 18.02 -7.28
CA PHE B 199 7.83 18.60 -6.83
C PHE B 199 7.96 18.44 -5.33
N ALA B 200 9.19 18.20 -4.86
CA ALA B 200 9.46 18.22 -3.43
C ALA B 200 9.28 19.64 -2.92
N GLU B 201 8.62 19.78 -1.78
CA GLU B 201 8.21 21.08 -1.28
C GLU B 201 9.33 21.84 -0.59
N ASP B 202 10.48 21.22 -0.39
CA ASP B 202 11.59 21.85 0.31
C ASP B 202 12.82 22.09 -0.54
N ASP B 203 12.93 21.45 -1.71
CA ASP B 203 14.12 21.56 -2.55
C ASP B 203 14.01 22.80 -3.44
N LEU B 204 14.78 23.83 -3.12
CA LEU B 204 14.84 25.00 -3.98
C LEU B 204 15.27 24.64 -5.41
N SER B 205 16.06 23.58 -5.57
CA SER B 205 16.38 23.10 -6.90
C SER B 205 15.12 22.72 -7.66
N HIS B 206 14.18 22.06 -6.97
CA HIS B 206 12.93 21.69 -7.63
C HIS B 206 12.13 22.92 -8.03
N TYR B 207 12.10 23.95 -7.18
CA TYR B 207 11.41 25.19 -7.55
C TYR B 207 12.04 25.84 -8.78
N THR B 208 13.37 25.92 -8.83
CA THR B 208 14.01 26.50 -10.00
C THR B 208 13.70 25.68 -11.24
N ARG B 209 13.78 24.36 -11.13
CA ARG B 209 13.48 23.48 -12.25
C ARG B 209 12.04 23.68 -12.73
N LEU B 210 11.12 23.86 -11.78
CA LEU B 210 9.71 24.02 -12.10
C LEU B 210 9.44 25.34 -12.80
N LEU B 211 10.05 26.42 -12.33
CA LEU B 211 9.93 27.71 -13.01
C LEU B 211 10.53 27.65 -14.40
N ARG B 212 11.61 26.88 -14.59
CA ARG B 212 12.12 26.67 -15.94
C ARG B 212 11.12 25.88 -16.79
N THR B 213 10.49 24.87 -16.20
CA THR B 213 9.66 23.95 -16.98
C THR B 213 8.36 24.60 -17.45
N MET B 214 7.64 25.26 -16.55
CA MET B 214 6.23 25.59 -16.82
C MET B 214 6.01 26.28 -18.17
N PRO B 215 6.82 27.26 -18.57
CA PRO B 215 6.52 27.99 -19.81
C PRO B 215 6.32 27.11 -21.04
N ARG B 216 6.65 25.82 -20.94
CA ARG B 216 6.47 24.90 -22.05
C ARG B 216 5.22 24.03 -21.91
N LYS B 217 4.60 23.98 -20.73
CA LYS B 217 3.56 23.00 -20.45
C LYS B 217 2.15 23.57 -20.35
N GLY B 218 1.98 24.85 -20.05
CA GLY B 218 0.64 25.40 -19.94
C GLY B 218 0.66 26.88 -19.61
N ARG B 219 -0.53 27.48 -19.70
CA ARG B 219 -0.76 28.86 -19.32
C ARG B 219 -1.85 28.99 -18.27
N VAL B 220 -2.42 27.88 -17.82
CA VAL B 220 -3.37 27.85 -16.72
C VAL B 220 -2.90 26.74 -15.78
N ILE B 221 -2.39 27.12 -14.62
CA ILE B 221 -1.69 26.20 -13.73
C ILE B 221 -2.45 26.11 -12.42
N TYR B 222 -2.67 24.90 -11.94
CA TYR B 222 -3.26 24.64 -10.64
C TYR B 222 -2.20 24.02 -9.75
N ILE B 223 -1.94 24.64 -8.60
CA ILE B 223 -0.86 24.25 -7.70
C ILE B 223 -1.47 23.84 -6.37
N CYS B 224 -1.17 22.62 -5.92
CA CYS B 224 -1.53 22.17 -4.57
C CYS B 224 -0.26 22.12 -3.74
N SER B 225 -0.10 23.10 -2.86
CA SER B 225 1.06 23.17 -1.97
C SER B 225 0.66 23.97 -0.74
N SER B 226 1.58 24.05 0.21
CA SER B 226 1.35 24.82 1.42
C SER B 226 1.43 26.31 1.12
N PRO B 227 0.88 27.15 1.99
CA PRO B 227 0.90 28.60 1.73
C PRO B 227 2.31 29.15 1.53
N ASP B 228 3.28 28.67 2.32
CA ASP B 228 4.65 29.16 2.19
C ASP B 228 5.25 28.79 0.84
N ALA B 229 5.03 27.54 0.41
CA ALA B 229 5.51 27.12 -0.91
C ALA B 229 4.87 27.90 -2.04
N PHE B 230 3.58 28.21 -1.94
CA PHE B 230 2.94 28.99 -3.00
C PHE B 230 3.45 30.43 -3.02
N ARG B 231 3.67 31.03 -1.85
CA ARG B 231 4.25 32.37 -1.83
C ARG B 231 5.64 32.37 -2.44
N THR B 232 6.45 31.35 -2.11
CA THR B 232 7.79 31.26 -2.68
C THR B 232 7.73 31.08 -4.19
N LEU B 233 6.81 30.24 -4.67
CA LEU B 233 6.65 30.06 -6.12
C LEU B 233 6.26 31.36 -6.79
N MET B 234 5.34 32.11 -6.20
CA MET B 234 4.93 33.38 -6.81
C MET B 234 6.09 34.37 -6.85
N LEU B 235 6.87 34.44 -5.77
CA LEU B 235 8.01 35.34 -5.75
C LEU B 235 9.04 34.95 -6.80
N LEU B 236 9.31 33.66 -6.95
CA LEU B 236 10.23 33.21 -7.99
C LEU B 236 9.68 33.53 -9.38
N ALA B 237 8.38 33.29 -9.60
CA ALA B 237 7.80 33.51 -10.91
C ALA B 237 7.86 34.97 -11.30
N LEU B 238 7.63 35.88 -10.34
CA LEU B 238 7.71 37.30 -10.67
C LEU B 238 9.10 37.66 -11.17
N GLU B 239 10.15 37.14 -10.51
CA GLU B 239 11.51 37.40 -10.98
C GLU B 239 11.75 36.77 -12.34
N ALA B 240 11.18 35.59 -12.58
CA ALA B 240 11.36 34.93 -13.86
C ALA B 240 10.70 35.67 -15.01
N GLY B 241 9.87 36.67 -14.73
CA GLY B 241 9.17 37.40 -15.76
C GLY B 241 7.79 36.88 -16.08
N LEU B 242 7.23 36.01 -15.23
CA LEU B 242 5.98 35.32 -15.53
C LEU B 242 4.83 36.15 -14.95
N CYS B 243 4.50 37.22 -15.67
CA CYS B 243 3.53 38.19 -15.19
C CYS B 243 2.10 37.69 -15.42
N GLY B 244 1.14 38.51 -15.00
CA GLY B 244 -0.26 38.15 -15.03
C GLY B 244 -0.96 38.39 -16.36
N GLU B 245 -0.29 39.00 -17.34
CA GLU B 245 -0.86 39.11 -18.67
C GLU B 245 -0.80 37.80 -19.43
N ASP B 246 -0.07 36.80 -18.92
CA ASP B 246 0.07 35.51 -19.58
C ASP B 246 -0.46 34.35 -18.76
N TYR B 247 -0.10 34.25 -17.48
CA TYR B 247 -0.43 33.08 -16.69
C TYR B 247 -1.59 33.37 -15.74
N VAL B 248 -2.15 32.29 -15.19
CA VAL B 248 -3.04 32.32 -14.05
C VAL B 248 -2.68 31.16 -13.14
N PHE B 249 -2.39 31.45 -11.87
CA PHE B 249 -2.05 30.43 -10.89
C PHE B 249 -3.20 30.26 -9.92
N PHE B 250 -3.72 29.04 -9.83
CA PHE B 250 -4.82 28.71 -8.95
C PHE B 250 -4.27 27.90 -7.78
N HIS B 251 -4.39 28.43 -6.57
CA HIS B 251 -3.93 27.74 -5.38
C HIS B 251 -5.09 26.92 -4.81
N LEU B 252 -4.93 25.59 -4.80
CA LEU B 252 -5.93 24.69 -4.24
C LEU B 252 -5.68 24.59 -2.74
N ASP B 253 -6.19 25.58 -2.01
CA ASP B 253 -6.10 25.65 -0.56
C ASP B 253 -7.52 25.46 -0.04
N ILE B 254 -7.92 24.21 0.14
CA ILE B 254 -9.32 23.90 0.34
C ILE B 254 -9.80 24.38 1.70
N PHE B 255 -8.99 24.21 2.74
CA PHE B 255 -9.36 24.62 4.08
C PHE B 255 -8.97 26.05 4.39
N GLY B 256 -8.55 26.82 3.39
CA GLY B 256 -8.25 28.23 3.61
C GLY B 256 -7.14 28.47 4.61
N GLN B 257 -6.08 27.66 4.55
CA GLN B 257 -4.99 27.81 5.51
C GLN B 257 -4.21 29.09 5.27
N SER B 258 -4.12 29.54 4.03
CA SER B 258 -3.40 30.77 3.70
C SER B 258 -4.23 32.02 3.95
N LEU B 259 -5.52 31.87 4.30
CA LEU B 259 -6.42 32.99 4.50
C LEU B 259 -6.89 33.10 5.94
N GLN B 260 -6.15 32.51 6.89
CA GLN B 260 -6.55 32.48 8.29
C GLN B 260 -7.93 31.83 8.43
N GLY B 261 -8.16 30.74 7.71
CA GLY B 261 -9.42 30.06 7.74
C GLY B 261 -10.38 30.51 6.65
N GLY B 262 -10.45 31.81 6.41
CA GLY B 262 -11.43 32.31 5.46
C GLY B 262 -12.85 32.12 5.94
N GLN B 263 -13.11 32.41 7.21
CA GLN B 263 -14.39 32.12 7.85
C GLN B 263 -15.31 33.33 7.92
N GLY B 264 -14.86 34.51 7.50
CA GLY B 264 -15.65 35.70 7.64
C GLY B 264 -15.33 36.76 6.59
N PRO B 265 -16.02 37.90 6.68
CA PRO B 265 -15.86 38.95 5.67
C PRO B 265 -14.62 39.82 5.85
N ALA B 266 -13.79 39.55 6.85
CA ALA B 266 -12.62 40.39 7.07
C ALA B 266 -11.70 40.34 5.86
N PRO B 267 -11.04 41.45 5.51
CA PRO B 267 -10.13 41.42 4.36
C PRO B 267 -8.86 40.63 4.67
N ARG B 268 -8.50 39.74 3.76
CA ARG B 268 -7.30 38.91 3.89
C ARG B 268 -6.25 39.40 2.90
N ARG B 269 -4.98 39.34 3.31
CA ARG B 269 -3.85 39.59 2.42
C ARG B 269 -2.82 38.47 2.64
N PRO B 270 -2.93 37.36 1.92
CA PRO B 270 -2.04 36.22 2.16
C PRO B 270 -0.65 36.38 1.58
N TRP B 271 -0.35 37.51 0.97
CA TRP B 271 0.96 37.79 0.40
C TRP B 271 1.90 38.46 1.39
N GLU B 272 1.48 38.65 2.63
CA GLU B 272 2.20 39.46 3.61
C GLU B 272 2.86 38.57 4.66
N ARG B 273 4.14 38.77 4.88
CA ARG B 273 4.87 38.13 5.96
C ARG B 273 5.67 39.11 6.82
N GLY B 274 5.77 40.38 6.42
CA GLY B 274 6.59 41.32 7.15
C GLY B 274 8.05 40.94 7.16
N ASP B 275 8.58 40.49 6.02
CA ASP B 275 9.95 40.02 5.91
C ASP B 275 10.70 40.82 4.86
N GLY B 276 10.29 42.06 4.64
CA GLY B 276 10.96 42.96 3.72
C GLY B 276 10.55 42.80 2.26
N GLN B 277 10.31 41.56 1.82
CA GLN B 277 9.95 41.28 0.44
C GLN B 277 8.44 41.24 0.22
N ASP B 278 7.64 41.51 1.25
CA ASP B 278 6.19 41.50 1.08
C ASP B 278 5.70 42.68 0.27
N VAL B 279 6.53 43.70 0.05
CA VAL B 279 6.17 44.75 -0.90
C VAL B 279 6.19 44.21 -2.31
N SER B 280 7.14 43.31 -2.61
CA SER B 280 7.24 42.68 -3.91
C SER B 280 6.39 41.41 -4.00
N ALA B 281 5.79 40.96 -2.91
CA ALA B 281 4.88 39.82 -2.95
C ALA B 281 3.47 40.23 -3.33
N ARG B 282 3.07 41.47 -3.02
CA ARG B 282 1.80 41.98 -3.51
C ARG B 282 1.79 42.05 -5.03
N GLN B 283 2.92 42.45 -5.63
CA GLN B 283 3.00 42.51 -7.08
C GLN B 283 2.89 41.12 -7.70
N ALA B 284 3.48 40.11 -7.06
CA ALA B 284 3.50 38.77 -7.61
C ALA B 284 2.17 38.05 -7.49
N PHE B 285 1.27 38.52 -6.64
CA PHE B 285 -0.03 37.88 -6.44
C PHE B 285 -1.11 38.43 -7.34
N GLN B 286 -0.78 39.40 -8.21
CA GLN B 286 -1.75 39.90 -9.17
C GLN B 286 -2.18 38.82 -10.16
N ALA B 287 -1.43 37.73 -10.28
CA ALA B 287 -1.74 36.63 -11.19
C ALA B 287 -2.04 35.35 -10.42
N ALA B 288 -2.62 35.47 -9.24
CA ALA B 288 -2.92 34.32 -8.39
C ALA B 288 -4.33 34.44 -7.84
N LYS B 289 -5.03 33.30 -7.82
CA LYS B 289 -6.38 33.21 -7.28
C LYS B 289 -6.45 31.93 -6.46
N ILE B 290 -7.36 31.90 -5.49
CA ILE B 290 -7.37 30.85 -4.48
C ILE B 290 -8.72 30.14 -4.49
N ILE B 291 -8.70 28.82 -4.43
CA ILE B 291 -9.91 28.00 -4.53
C ILE B 291 -10.09 27.30 -3.19
N THR B 292 -11.05 27.78 -2.39
CA THR B 292 -11.34 27.21 -1.09
C THR B 292 -12.71 26.54 -1.09
N TYR B 293 -13.01 25.82 -0.02
CA TYR B 293 -14.39 25.43 0.23
C TYR B 293 -15.25 26.68 0.45
N LYS B 294 -16.55 26.48 0.48
CA LYS B 294 -17.47 27.59 0.70
C LYS B 294 -17.88 27.62 2.16
N ASP B 295 -17.83 28.81 2.76
CA ASP B 295 -18.24 28.99 4.14
C ASP B 295 -19.75 29.23 4.19
N PRO B 296 -20.53 28.36 4.80
CA PRO B 296 -21.99 28.57 4.81
C PRO B 296 -22.36 29.89 5.47
N ASP B 297 -23.40 30.52 4.95
CA ASP B 297 -23.80 31.85 5.39
C ASP B 297 -25.03 31.86 6.30
N ASN B 298 -25.79 30.77 6.34
CA ASN B 298 -27.03 30.77 7.09
C ASN B 298 -26.76 30.94 8.58
N PRO B 299 -27.69 31.58 9.32
CA PRO B 299 -27.48 31.78 10.76
C PRO B 299 -27.49 30.49 11.57
N GLU B 300 -28.16 29.44 11.09
CA GLU B 300 -28.16 28.17 11.81
C GLU B 300 -26.75 27.63 11.96
N TYR B 301 -25.93 27.77 10.91
CA TYR B 301 -24.54 27.35 11.00
C TYR B 301 -23.80 28.12 12.08
N LEU B 302 -24.03 29.43 12.16
CA LEU B 302 -23.35 30.23 13.18
C LEU B 302 -23.78 29.82 14.57
N GLU B 303 -25.07 29.57 14.79
CA GLU B 303 -25.52 29.10 16.09
C GLU B 303 -24.92 27.74 16.43
N PHE B 304 -24.87 26.84 15.46
CA PHE B 304 -24.28 25.53 15.69
C PHE B 304 -22.80 25.66 16.06
N LEU B 305 -22.07 26.53 15.37
CA LEU B 305 -20.68 26.77 15.74
C LEU B 305 -20.57 27.34 17.14
N LYS B 306 -21.47 28.27 17.50
CA LYS B 306 -21.41 28.89 18.81
C LYS B 306 -21.59 27.86 19.91
N GLN B 307 -22.54 26.94 19.76
CA GLN B 307 -22.76 25.92 20.79
C GLN B 307 -21.89 24.70 20.61
N LEU B 308 -21.13 24.60 19.52
CA LEU B 308 -20.12 23.55 19.39
C LEU B 308 -18.83 23.96 20.08
N LYS B 309 -18.45 25.23 19.94
CA LYS B 309 -17.22 25.73 20.56
C LYS B 309 -17.27 25.62 22.08
N HIS B 310 -18.47 25.55 22.66
CA HIS B 310 -18.63 25.47 24.10
C HIS B 310 -18.56 24.03 24.61
N LEU B 311 -19.22 23.12 23.91
CA LEU B 311 -19.09 21.70 24.25
C LEU B 311 -17.67 21.23 24.07
N ALA B 312 -17.00 21.68 23.01
CA ALA B 312 -15.62 21.24 22.78
C ALA B 312 -14.70 21.67 23.91
N TYR B 313 -15.08 22.70 24.68
CA TYR B 313 -14.29 23.13 25.82
C TYR B 313 -14.71 22.45 27.12
N GLU B 314 -16.02 22.38 27.37
CA GLU B 314 -16.49 21.76 28.62
C GLU B 314 -16.23 20.25 28.62
N GLN B 315 -16.33 19.61 27.46
CA GLN B 315 -16.26 18.15 27.41
C GLN B 315 -14.82 17.67 27.26
N PHE B 316 -14.15 18.06 26.17
CA PHE B 316 -12.86 17.50 25.80
C PHE B 316 -11.69 18.44 26.13
N ASN B 317 -11.94 19.55 26.80
CA ASN B 317 -10.87 20.48 27.21
C ASN B 317 -10.00 20.86 26.02
N PHE B 318 -10.64 21.19 24.91
CA PHE B 318 -9.96 21.56 23.68
C PHE B 318 -10.63 22.79 23.10
N THR B 319 -9.84 23.71 22.58
CA THR B 319 -10.32 25.01 22.10
C THR B 319 -10.39 25.00 20.58
N MET B 320 -11.59 25.18 20.04
CA MET B 320 -11.78 25.19 18.59
C MET B 320 -11.13 26.42 17.97
N GLU B 321 -10.65 26.28 16.75
CA GLU B 321 -9.79 27.28 16.12
C GLU B 321 -10.55 28.33 15.31
N ASP B 322 -11.85 28.16 15.07
CA ASP B 322 -12.64 29.15 14.35
C ASP B 322 -12.11 29.36 12.93
N GLY B 323 -12.14 28.28 12.15
CA GLY B 323 -11.72 28.34 10.76
C GLY B 323 -12.70 27.71 9.80
N LEU B 324 -12.22 27.24 8.65
CA LEU B 324 -13.04 26.56 7.66
C LEU B 324 -12.97 25.05 7.79
N VAL B 325 -12.19 24.53 8.75
CA VAL B 325 -12.18 23.11 9.02
C VAL B 325 -13.39 22.67 9.83
N ASN B 326 -14.20 23.61 10.31
CA ASN B 326 -15.35 23.24 11.13
C ASN B 326 -16.47 22.64 10.27
N THR B 327 -16.41 22.84 8.95
CA THR B 327 -17.41 22.25 8.08
C THR B 327 -17.38 20.74 8.16
N ILE B 328 -16.23 20.15 8.49
CA ILE B 328 -16.11 18.70 8.57
C ILE B 328 -16.77 18.20 9.85
N PRO B 329 -16.55 18.82 11.01
CA PRO B 329 -17.39 18.49 12.18
C PRO B 329 -18.87 18.69 11.95
N ALA B 330 -19.27 19.73 11.20
CA ALA B 330 -20.70 19.95 10.96
C ALA B 330 -21.29 18.93 9.99
N SER B 331 -20.48 18.45 9.04
CA SER B 331 -20.96 17.48 8.08
C SER B 331 -21.25 16.13 8.73
N PHE B 332 -20.48 15.75 9.75
CA PHE B 332 -20.81 14.54 10.49
C PHE B 332 -22.17 14.67 11.17
N HIS B 333 -22.45 15.83 11.76
CA HIS B 333 -23.76 16.08 12.36
C HIS B 333 -24.87 15.96 11.33
N ASP B 334 -24.72 16.63 10.19
CA ASP B 334 -25.75 16.58 9.15
C ASP B 334 -25.94 15.16 8.62
N GLY B 335 -24.84 14.45 8.37
CA GLY B 335 -24.94 13.11 7.82
C GLY B 335 -25.58 12.13 8.80
N LEU B 336 -25.21 12.23 10.08
CA LEU B 336 -25.82 11.36 11.07
C LEU B 336 -27.30 11.63 11.21
N LEU B 337 -27.71 12.90 11.16
CA LEU B 337 -29.15 13.19 11.21
C LEU B 337 -29.87 12.66 9.96
N LEU B 338 -29.25 12.79 8.78
CA LEU B 338 -29.85 12.23 7.58
C LEU B 338 -29.99 10.71 7.69
N TYR B 339 -28.98 10.04 8.23
CA TYR B 339 -29.06 8.59 8.42
C TYR B 339 -30.18 8.23 9.38
N ILE B 340 -30.31 8.99 10.47
CA ILE B 340 -31.37 8.69 11.43
C ILE B 340 -32.73 8.86 10.78
N GLN B 341 -32.90 9.90 9.95
CA GLN B 341 -34.17 10.08 9.25
C GLN B 341 -34.44 8.92 8.29
N ALA B 342 -33.42 8.48 7.57
CA ALA B 342 -33.59 7.35 6.66
C ALA B 342 -34.00 6.08 7.42
N VAL B 343 -33.37 5.84 8.57
CA VAL B 343 -33.74 4.68 9.38
C VAL B 343 -35.17 4.82 9.88
N THR B 344 -35.58 6.03 10.25
CA THR B 344 -36.96 6.23 10.70
C THR B 344 -37.95 5.90 9.58
N GLU B 345 -37.67 6.34 8.36
CA GLU B 345 -38.54 5.99 7.24
C GLU B 345 -38.57 4.49 7.02
N THR B 346 -37.39 3.85 7.05
CA THR B 346 -37.33 2.41 6.85
C THR B 346 -38.19 1.68 7.89
N LEU B 347 -38.09 2.08 9.15
CA LEU B 347 -38.94 1.49 10.18
C LEU B 347 -40.42 1.76 9.92
N ALA B 348 -40.75 2.98 9.47
CA ALA B 348 -42.13 3.31 9.17
C ALA B 348 -42.70 2.48 8.04
N HIS B 349 -41.85 1.94 7.16
CA HIS B 349 -42.30 1.05 6.10
C HIS B 349 -42.21 -0.42 6.50
N GLY B 350 -41.98 -0.71 7.78
CA GLY B 350 -41.94 -2.09 8.25
C GLY B 350 -40.64 -2.80 7.94
N GLY B 351 -39.55 -2.30 8.51
CA GLY B 351 -38.25 -2.92 8.34
C GLY B 351 -37.46 -2.92 9.64
N THR B 352 -36.15 -3.15 9.54
CA THR B 352 -35.28 -3.15 10.71
C THR B 352 -34.16 -2.14 10.51
N VAL B 353 -33.36 -1.94 11.56
CA VAL B 353 -32.24 -1.02 11.50
C VAL B 353 -31.03 -1.74 10.91
N THR B 354 -31.22 -2.99 10.48
CA THR B 354 -30.16 -3.77 9.86
C THR B 354 -30.37 -3.94 8.36
N ASP B 355 -31.32 -3.21 7.77
CA ASP B 355 -31.53 -3.23 6.32
C ASP B 355 -30.59 -2.21 5.69
N GLY B 356 -29.34 -2.64 5.47
CA GLY B 356 -28.35 -1.74 4.94
C GLY B 356 -28.71 -1.18 3.58
N GLU B 357 -29.18 -2.04 2.68
CA GLU B 357 -29.46 -1.60 1.31
C GLU B 357 -30.67 -0.68 1.27
N ASN B 358 -31.76 -1.06 1.94
CA ASN B 358 -32.95 -0.21 1.94
C ASN B 358 -32.67 1.11 2.62
N ILE B 359 -31.92 1.10 3.72
CA ILE B 359 -31.59 2.34 4.41
C ILE B 359 -30.72 3.22 3.52
N THR B 360 -29.74 2.63 2.85
CA THR B 360 -28.79 3.43 2.07
C THR B 360 -29.44 4.01 0.82
N GLN B 361 -30.36 3.29 0.19
CA GLN B 361 -31.01 3.85 -0.99
C GLN B 361 -32.07 4.89 -0.65
N ARG B 362 -32.38 5.07 0.64
CA ARG B 362 -33.16 6.21 1.09
C ARG B 362 -32.31 7.41 1.48
N MET B 363 -30.99 7.28 1.48
CA MET B 363 -30.09 8.41 1.70
C MET B 363 -29.55 8.98 0.40
N TRP B 364 -29.31 8.13 -0.59
CA TRP B 364 -28.72 8.57 -1.85
C TRP B 364 -29.78 9.23 -2.73
N ASN B 365 -29.36 10.24 -3.48
CA ASN B 365 -30.24 10.91 -4.45
C ASN B 365 -31.42 11.60 -3.77
N ARG B 366 -31.15 12.31 -2.68
CA ARG B 366 -32.18 13.13 -2.04
C ARG B 366 -31.52 14.34 -1.41
N SER B 367 -32.35 15.33 -1.07
CA SER B 367 -31.87 16.56 -0.46
C SER B 367 -32.29 16.60 1.01
N PHE B 368 -31.46 17.26 1.82
CA PHE B 368 -31.65 17.33 3.26
C PHE B 368 -31.39 18.75 3.73
N GLN B 369 -32.01 19.12 4.84
CA GLN B 369 -31.88 20.46 5.42
C GLN B 369 -31.09 20.33 6.72
N GLY B 370 -29.79 20.68 6.66
CA GLY B 370 -28.93 20.68 7.81
C GLY B 370 -28.50 22.07 8.23
N VAL B 371 -27.48 22.11 9.10
CA VAL B 371 -26.92 23.38 9.51
C VAL B 371 -25.99 23.95 8.45
N THR B 372 -25.47 23.12 7.54
CA THR B 372 -24.56 23.56 6.51
C THR B 372 -25.27 24.00 5.23
N GLY B 373 -26.60 24.06 5.24
CA GLY B 373 -27.36 24.50 4.09
C GLY B 373 -28.47 23.54 3.72
N TYR B 374 -28.84 23.51 2.45
CA TYR B 374 -29.79 22.54 1.91
C TYR B 374 -28.99 21.63 0.99
N LEU B 375 -28.43 20.57 1.58
CA LEU B 375 -27.47 19.73 0.88
C LEU B 375 -28.19 18.67 0.05
N LYS B 376 -27.43 18.01 -0.83
CA LYS B 376 -27.95 16.96 -1.68
C LYS B 376 -26.91 15.86 -1.81
N ILE B 377 -27.25 14.65 -1.38
CA ILE B 377 -26.45 13.48 -1.68
C ILE B 377 -26.80 13.03 -3.09
N ASP B 378 -25.78 12.86 -3.93
CA ASP B 378 -26.01 12.55 -5.33
C ASP B 378 -26.42 11.08 -5.46
N SER B 379 -26.53 10.59 -6.69
CA SER B 379 -27.00 9.23 -6.93
C SER B 379 -25.94 8.19 -6.61
N SER B 380 -24.67 8.57 -6.56
CA SER B 380 -23.59 7.67 -6.21
C SER B 380 -23.30 7.61 -4.72
N GLY B 381 -23.95 8.45 -3.92
CA GLY B 381 -23.74 8.47 -2.48
C GLY B 381 -22.89 9.60 -1.99
N ASP B 382 -22.16 10.30 -2.87
CA ASP B 382 -21.30 11.39 -2.47
C ASP B 382 -22.06 12.70 -2.46
N ARG B 383 -21.74 13.57 -1.51
CA ARG B 383 -22.43 14.84 -1.37
C ARG B 383 -21.96 15.82 -2.44
N GLU B 384 -22.87 16.64 -2.96
CA GLU B 384 -22.57 17.74 -3.89
C GLU B 384 -21.91 18.88 -3.10
N THR B 385 -20.66 19.28 -3.42
CA THR B 385 -19.85 20.25 -2.70
C THR B 385 -19.88 21.60 -3.39
N ASP B 386 -19.93 22.70 -2.61
CA ASP B 386 -19.94 24.11 -3.08
C ASP B 386 -18.57 24.68 -2.81
N PHE B 387 -18.00 25.48 -3.72
CA PHE B 387 -16.66 26.03 -3.63
C PHE B 387 -16.69 27.54 -3.73
N SER B 388 -15.54 28.16 -3.42
CA SER B 388 -15.38 29.60 -3.51
C SER B 388 -14.06 29.93 -4.18
N LEU B 389 -14.09 30.97 -5.01
CA LEU B 389 -12.91 31.49 -5.69
C LEU B 389 -12.65 32.90 -5.19
N TRP B 390 -11.46 33.10 -4.63
CA TRP B 390 -10.96 34.35 -4.07
C TRP B 390 -9.99 35.00 -5.04
N ASP B 391 -10.13 36.32 -5.20
CA ASP B 391 -9.27 37.13 -6.03
C ASP B 391 -8.92 38.39 -5.28
N MET B 392 -7.90 39.10 -5.77
CA MET B 392 -7.34 40.25 -5.06
C MET B 392 -7.97 41.55 -5.53
N ASP B 393 -8.37 42.39 -4.58
CA ASP B 393 -8.92 43.69 -4.90
C ASP B 393 -7.84 44.58 -5.52
N PRO B 394 -8.10 45.22 -6.66
CA PRO B 394 -7.07 46.07 -7.27
C PRO B 394 -6.61 47.21 -6.38
N GLU B 395 -7.50 47.77 -5.56
CA GLU B 395 -7.18 48.97 -4.79
C GLU B 395 -6.55 48.64 -3.44
N ASN B 396 -7.27 47.90 -2.60
CA ASN B 396 -6.76 47.63 -1.25
C ASN B 396 -5.56 46.68 -1.28
N GLY B 397 -5.60 45.69 -2.16
CA GLY B 397 -4.61 44.63 -2.16
C GLY B 397 -4.97 43.44 -1.32
N ALA B 398 -6.18 43.39 -0.78
CA ALA B 398 -6.63 42.31 0.07
C ALA B 398 -7.49 41.33 -0.72
N PHE B 399 -7.42 40.06 -0.33
CA PHE B 399 -8.20 39.02 -0.99
C PHE B 399 -9.62 38.97 -0.43
N ARG B 400 -10.58 38.73 -1.31
CA ARG B 400 -11.96 38.51 -0.89
C ARG B 400 -12.65 37.61 -1.90
N VAL B 401 -13.73 36.96 -1.45
CA VAL B 401 -14.43 36.01 -2.29
C VAL B 401 -15.07 36.73 -3.46
N VAL B 402 -14.87 36.21 -4.66
CA VAL B 402 -15.48 36.78 -5.85
C VAL B 402 -16.41 35.82 -6.57
N LEU B 403 -16.25 34.50 -6.44
CA LEU B 403 -17.17 33.56 -7.07
C LEU B 403 -17.58 32.46 -6.10
N ASN B 404 -18.83 32.04 -6.17
CA ASN B 404 -19.34 30.92 -5.41
C ASN B 404 -19.93 29.89 -6.37
N TYR B 405 -19.52 28.64 -6.22
CA TYR B 405 -19.95 27.54 -7.07
C TYR B 405 -20.90 26.64 -6.30
N ASN B 406 -22.12 26.46 -6.82
CA ASN B 406 -23.12 25.59 -6.21
C ASN B 406 -22.99 24.21 -6.83
N GLY B 407 -22.65 23.21 -6.02
CA GLY B 407 -22.44 21.88 -6.54
C GLY B 407 -23.70 21.26 -7.12
N THR B 408 -24.86 21.54 -6.52
CA THR B 408 -26.09 20.89 -6.95
C THR B 408 -26.47 21.32 -8.37
N SER B 409 -26.72 22.61 -8.58
CA SER B 409 -27.08 23.11 -9.90
C SER B 409 -25.87 23.29 -10.81
N GLN B 410 -24.66 23.26 -10.26
CA GLN B 410 -23.43 23.33 -11.05
C GLN B 410 -23.33 24.65 -11.82
N GLU B 411 -23.40 25.76 -11.07
CA GLU B 411 -23.23 27.07 -11.68
C GLU B 411 -22.53 28.01 -10.70
N LEU B 412 -22.01 29.09 -11.27
CA LEU B 412 -21.21 30.07 -10.57
C LEU B 412 -22.01 31.36 -10.40
N VAL B 413 -21.88 31.96 -9.22
CA VAL B 413 -22.54 33.22 -8.89
C VAL B 413 -21.49 34.20 -8.40
N ALA B 414 -21.55 35.43 -8.93
CA ALA B 414 -20.65 36.50 -8.51
C ALA B 414 -21.24 37.18 -7.29
N VAL B 415 -20.38 37.42 -6.28
CA VAL B 415 -20.86 38.05 -5.06
C VAL B 415 -21.33 39.47 -5.39
N SER B 416 -22.10 40.05 -4.47
CA SER B 416 -22.98 41.19 -4.74
C SER B 416 -22.40 42.19 -5.74
N GLY B 417 -21.23 42.77 -5.44
CA GLY B 417 -20.69 43.83 -6.25
C GLY B 417 -19.26 43.61 -6.68
N ARG B 418 -18.91 42.38 -7.02
CA ARG B 418 -17.54 42.00 -7.27
C ARG B 418 -17.41 41.28 -8.61
N LYS B 419 -16.21 41.35 -9.16
CA LYS B 419 -15.88 40.67 -10.41
C LYS B 419 -14.39 40.36 -10.40
N LEU B 420 -14.01 39.38 -11.22
CA LEU B 420 -12.62 38.95 -11.25
C LEU B 420 -11.71 40.07 -11.73
N ASN B 421 -10.52 40.13 -11.16
CA ASN B 421 -9.53 41.15 -11.46
C ASN B 421 -8.50 40.56 -12.42
N TRP B 422 -8.67 40.84 -13.70
CA TRP B 422 -7.73 40.39 -14.72
C TRP B 422 -6.80 41.53 -15.10
N PRO B 423 -5.48 41.33 -15.14
CA PRO B 423 -4.59 42.47 -15.44
C PRO B 423 -4.90 43.18 -16.73
N LEU B 424 -5.29 42.44 -17.78
CA LEU B 424 -5.63 43.04 -19.07
C LEU B 424 -7.12 43.29 -19.22
N GLY B 425 -7.93 42.99 -18.22
CA GLY B 425 -9.35 43.18 -18.26
C GLY B 425 -10.13 41.95 -18.70
N TYR B 426 -9.45 40.96 -19.27
CA TYR B 426 -10.06 39.71 -19.69
C TYR B 426 -9.09 38.58 -19.40
N PRO B 427 -9.58 37.35 -19.32
CA PRO B 427 -8.69 36.24 -18.99
C PRO B 427 -7.66 36.04 -20.07
N PRO B 428 -6.46 35.59 -19.71
CA PRO B 428 -5.44 35.31 -20.73
C PRO B 428 -5.73 33.98 -21.41
N PRO B 429 -5.40 33.86 -22.69
CA PRO B 429 -5.61 32.58 -23.37
C PRO B 429 -4.72 31.48 -22.81
N ASP B 430 -5.19 30.25 -22.91
CA ASP B 430 -4.42 29.09 -22.50
C ASP B 430 -3.52 28.57 -23.61
N ILE B 431 -3.49 29.24 -24.76
CA ILE B 431 -2.61 28.90 -25.87
C ILE B 431 -2.02 30.19 -26.39
N PRO B 432 -0.71 30.42 -26.28
CA PRO B 432 -0.14 31.70 -26.74
C PRO B 432 -0.21 31.85 -28.25
N LYS B 433 0.36 32.96 -28.76
CA LYS B 433 0.22 33.27 -30.18
C LYS B 433 0.69 32.12 -31.06
N CYS B 434 1.82 31.51 -30.72
CA CYS B 434 2.38 30.39 -31.47
C CYS B 434 2.58 29.16 -30.59
N GLY B 435 1.71 28.96 -29.61
CA GLY B 435 1.78 27.77 -28.78
C GLY B 435 2.97 27.80 -27.85
N PHE B 436 3.40 26.59 -27.47
CA PHE B 436 4.49 26.42 -26.52
C PHE B 436 5.78 26.02 -27.22
#